data_9KOS
#
_entry.id   9KOS
#
_cell.length_a   171.965
_cell.length_b   171.965
_cell.length_c   85.283
_cell.angle_alpha   90.00
_cell.angle_beta   90.00
_cell.angle_gamma   90.00
#
_symmetry.space_group_name_H-M   'P 41 21 2'
#
loop_
_entity.id
_entity.type
_entity.pdbx_description
1 polymer 'Angiotensin-converting enzyme'
2 polymer 'RaTG13 RBD'
3 non-polymer 2-acetamido-2-deoxy-beta-D-glucopyranose
#
loop_
_entity_poly.entity_id
_entity_poly.type
_entity_poly.pdbx_seq_one_letter_code
_entity_poly.pdbx_strand_id
1 'polypeptide(L)'
;STTEGQAKTFLEKFNHEAEDLSYQSSLASWNYNTNITDENVQKMNEARAKWSAFYEEQSRMARTYSLEEIQNLTLKRQLK
ALQHSGTSVLSAEKSKRLNTILNKMSTIYSTGKVLDPNTQECLALEPGLDDIMENSRDYNRRLWAWEGWRAEVGKQLRPL
YEEYVVLENEMARANNYEDYGDYWRGDYEVTGAGDYDYSRDQLMKDVERTFEEIKPLYEQLHAYVRAKLMDTYPSYISPT
GCLPAHLLGDMWGRFWTNLYSLTVPFEHKPSIDVTEKMKNQSWDAERIFKEAEKFFVSIGLPYMTQGFWDNSMLTEPGDG
RKVVCHPTAWDLGKGDFRIKMCTKVTMDDFLTAHHEMGHIQYDMAYATQPYLLRNGANEGFHEAVGEIMSLSAATPHYLK
ALGLLAPDFYEDNETEINFLLKQALTIVGTLPFTYMLEKWRWMVFKGEIPKQQWMEKWWEMKREIVGVVEPLPHDETYCD
PACLFHVAEDYSFIRYYTRTIYQFQFHEALCKTAKHEGALFKCDISNSTEAGQRLLQMLRLGKSEPWTLALENIVGIKTM
DVKPLLNYFEPLFTWLKEQNRNSFVGWSTEWTPYSD
;
A
2 'polypeptide(L)'
;TNLCPFGEVFNATTFASVYAWNRKRISNCVADYSVLYNSTSFSTFKCYGVSPTKLNDLCFTNVYADSFVITGDEVRQIAP
GQTGKIADYNYKLPDDFTGCVIAWNSKHIDAKEGGNFNYLYRLFRKANLKPFERDISTEIYQAGSKPCNGQTGLNCYYPL
YRYGFYPTDGVGHQPYRVVVLSFELLNAPATVCGH
;
E
#
# COMPACT_ATOMS: atom_id res chain seq x y z
N SER A 1 27.18 21.31 10.88
CA SER A 1 28.33 21.26 11.78
C SER A 1 28.46 19.88 12.40
N THR A 2 27.51 19.52 13.26
CA THR A 2 27.51 18.21 13.86
C THR A 2 27.14 17.14 12.84
N THR A 3 27.29 15.88 13.22
CA THR A 3 26.99 14.78 12.30
C THR A 3 25.49 14.62 12.09
N GLU A 4 24.69 14.89 13.11
CA GLU A 4 23.24 14.78 12.94
C GLU A 4 22.72 15.82 11.96
N GLY A 5 23.32 17.01 11.95
CA GLY A 5 22.89 18.03 11.00
C GLY A 5 23.22 17.67 9.57
N GLN A 6 24.43 17.15 9.34
CA GLN A 6 24.78 16.64 8.02
C GLN A 6 23.87 15.49 7.62
N ALA A 7 23.44 14.68 8.58
CA ALA A 7 22.49 13.60 8.30
C ALA A 7 21.15 14.18 7.84
N LYS A 8 20.64 15.19 8.54
CA LYS A 8 19.43 15.88 8.12
C LYS A 8 19.55 16.39 6.68
N THR A 9 20.67 17.07 6.39
CA THR A 9 20.87 17.66 5.06
C THR A 9 20.88 16.58 3.99
N PHE A 10 21.63 15.51 4.23
CA PHE A 10 21.67 14.38 3.31
C PHE A 10 20.30 13.77 3.10
N LEU A 11 19.53 13.60 4.18
CA LEU A 11 18.21 13.01 4.06
C LEU A 11 17.26 13.91 3.26
N GLU A 12 17.42 15.23 3.40
CA GLU A 12 16.61 16.15 2.61
C GLU A 12 16.91 16.01 1.13
N LYS A 13 18.22 16.04 0.79
CA LYS A 13 18.64 15.81 -0.59
C LYS A 13 18.05 14.52 -1.14
N PHE A 14 18.18 13.43 -0.36
CA PHE A 14 17.65 12.14 -0.78
C PHE A 14 16.15 12.19 -1.00
N ASN A 15 15.41 12.83 -0.10
CA ASN A 15 13.97 12.93 -0.25
C ASN A 15 13.60 13.58 -1.57
N HIS A 16 14.21 14.72 -1.87
CA HIS A 16 13.81 15.48 -3.05
C HIS A 16 14.26 14.83 -4.36
N GLU A 17 15.34 14.05 -4.35
CA GLU A 17 15.65 13.28 -5.56
C GLU A 17 14.75 12.05 -5.70
N ALA A 18 14.52 11.37 -4.58
CA ALA A 18 13.80 10.10 -4.60
C ALA A 18 12.34 10.29 -4.95
N GLU A 19 11.76 11.47 -4.66
CA GLU A 19 10.38 11.69 -5.11
C GLU A 19 10.25 11.52 -6.62
N ASP A 20 11.08 12.25 -7.37
CA ASP A 20 11.02 12.16 -8.82
C ASP A 20 11.38 10.77 -9.31
N LEU A 21 12.44 10.18 -8.76
CA LEU A 21 12.84 8.86 -9.29
C LEU A 21 11.78 7.80 -8.98
N SER A 22 11.17 7.85 -7.79
CA SER A 22 10.10 6.92 -7.46
C SER A 22 8.92 7.11 -8.37
N TYR A 23 8.59 8.35 -8.70
CA TYR A 23 7.43 8.56 -9.55
C TYR A 23 7.70 8.05 -10.96
N GLN A 24 8.93 8.24 -11.45
CA GLN A 24 9.31 7.64 -12.73
C GLN A 24 9.13 6.13 -12.71
N SER A 25 9.69 5.46 -11.70
CA SER A 25 9.61 4.01 -11.63
C SER A 25 8.16 3.53 -11.52
N SER A 26 7.38 4.15 -10.64
CA SER A 26 5.99 3.74 -10.45
C SER A 26 5.16 3.99 -11.71
N LEU A 27 5.46 5.07 -12.44
CA LEU A 27 4.68 5.37 -13.64
C LEU A 27 5.03 4.40 -14.76
N ALA A 28 6.30 4.03 -14.89
CA ALA A 28 6.66 3.02 -15.89
C ALA A 28 6.05 1.67 -15.55
N SER A 29 6.09 1.29 -14.25
CA SER A 29 5.48 0.04 -13.84
C SER A 29 3.97 0.05 -14.07
N TRP A 30 3.33 1.21 -13.85
CA TRP A 30 1.91 1.33 -14.15
C TRP A 30 1.64 1.19 -15.64
N ASN A 31 2.45 1.84 -16.47
CA ASN A 31 2.27 1.74 -17.91
C ASN A 31 2.49 0.31 -18.40
N TYR A 32 3.29 -0.47 -17.69
CA TYR A 32 3.43 -1.89 -18.11
C TYR A 32 2.37 -2.76 -17.43
N ASN A 33 1.95 -2.38 -16.22
CA ASN A 33 0.86 -3.15 -15.60
C ASN A 33 -0.48 -2.73 -16.21
N THR A 34 -0.43 -1.92 -17.28
CA THR A 34 -1.67 -1.53 -17.97
C THR A 34 -1.50 -1.70 -19.49
N ASN A 35 -0.27 -1.71 -20.00
CA ASN A 35 -0.17 -1.92 -21.48
C ASN A 35 0.53 -3.26 -21.76
N ILE A 36 1.47 -3.68 -20.90
CA ILE A 36 2.13 -5.01 -21.05
C ILE A 36 2.71 -5.17 -22.46
N THR A 37 3.54 -4.22 -22.90
CA THR A 37 4.21 -4.39 -24.22
C THR A 37 5.70 -4.59 -24.02
N ASP A 38 6.35 -5.32 -24.93
CA ASP A 38 7.83 -5.44 -24.86
C ASP A 38 8.37 -4.05 -24.55
N GLU A 39 7.97 -3.06 -25.35
CA GLU A 39 8.44 -1.70 -25.08
C GLU A 39 8.21 -1.30 -23.63
N ASN A 40 7.06 -1.68 -23.07
CA ASN A 40 6.75 -1.31 -21.70
C ASN A 40 7.62 -2.07 -20.71
N VAL A 41 7.91 -3.35 -20.99
CA VAL A 41 8.86 -4.09 -20.16
C VAL A 41 10.20 -3.40 -20.16
N GLN A 42 10.65 -2.93 -21.34
CA GLN A 42 11.94 -2.25 -21.42
C GLN A 42 11.94 -0.97 -20.60
N LYS A 43 10.92 -0.13 -20.79
CA LYS A 43 10.85 1.14 -20.05
C LYS A 43 10.76 0.88 -18.55
N MET A 44 9.94 -0.08 -18.14
CA MET A 44 9.83 -0.48 -16.74
C MET A 44 11.18 -0.88 -16.16
N ASN A 45 11.89 -1.75 -16.88
CA ASN A 45 13.18 -2.22 -16.39
C ASN A 45 14.19 -1.08 -16.31
N GLU A 46 14.18 -0.17 -17.28
CA GLU A 46 15.14 0.92 -17.27
C GLU A 46 14.89 1.88 -16.11
N ALA A 47 13.61 2.24 -15.89
CA ALA A 47 13.28 3.10 -14.76
C ALA A 47 13.68 2.43 -13.45
N ARG A 48 13.35 1.15 -13.28
CA ARG A 48 13.73 0.46 -12.05
C ARG A 48 15.24 0.32 -11.92
N ALA A 49 15.97 0.27 -13.03
CA ALA A 49 17.42 0.20 -12.98
C ALA A 49 18.00 1.50 -12.45
N LYS A 50 17.58 2.62 -13.02
CA LYS A 50 17.98 3.93 -12.50
C LYS A 50 17.67 4.03 -11.01
N TRP A 51 16.49 3.56 -10.64
CA TRP A 51 16.00 3.67 -9.26
C TRP A 51 16.86 2.85 -8.31
N SER A 52 17.13 1.60 -8.66
CA SER A 52 17.92 0.71 -7.82
C SER A 52 19.38 1.16 -7.73
N ALA A 53 19.94 1.69 -8.82
CA ALA A 53 21.30 2.20 -8.74
C ALA A 53 21.37 3.42 -7.84
N PHE A 54 20.36 4.28 -7.93
CA PHE A 54 20.29 5.44 -7.03
C PHE A 54 20.24 4.99 -5.57
N TYR A 55 19.49 3.91 -5.27
CA TYR A 55 19.52 3.35 -3.91
C TYR A 55 20.86 2.77 -3.50
N GLU A 56 21.53 2.02 -4.37
CA GLU A 56 22.83 1.50 -3.95
C GLU A 56 23.78 2.66 -3.62
N GLU A 57 23.81 3.68 -4.47
CA GLU A 57 24.63 4.85 -4.20
C GLU A 57 24.23 5.53 -2.90
N GLN A 58 22.93 5.72 -2.68
CA GLN A 58 22.47 6.47 -1.52
C GLN A 58 22.62 5.68 -0.23
N SER A 59 22.58 4.34 -0.29
CA SER A 59 22.85 3.54 0.89
C SER A 59 24.32 3.62 1.27
N ARG A 60 25.22 3.56 0.27
CA ARG A 60 26.63 3.80 0.55
C ARG A 60 26.83 5.19 1.16
N MET A 61 26.13 6.19 0.63
CA MET A 61 26.18 7.55 1.20
C MET A 61 25.69 7.55 2.65
N ALA A 62 24.58 6.87 2.92
CA ALA A 62 23.96 6.94 4.24
C ALA A 62 24.78 6.21 5.30
N ARG A 63 25.52 5.18 4.90
CA ARG A 63 26.38 4.51 5.87
C ARG A 63 27.49 5.41 6.40
N THR A 64 27.78 6.53 5.72
CA THR A 64 28.82 7.43 6.16
C THR A 64 28.45 8.25 7.38
N TYR A 65 27.18 8.28 7.78
CA TYR A 65 26.75 8.93 9.01
C TYR A 65 26.45 7.86 10.04
N SER A 66 27.21 7.86 11.13
CA SER A 66 27.06 6.83 12.15
C SER A 66 25.80 7.06 12.96
N LEU A 67 25.00 6.01 13.12
CA LEU A 67 23.80 6.08 13.95
C LEU A 67 24.17 6.35 15.40
N GLU A 68 25.40 6.01 15.79
CA GLU A 68 25.84 6.17 17.18
C GLU A 68 25.75 7.62 17.62
N GLU A 69 26.03 8.56 16.71
CA GLU A 69 26.08 9.98 17.02
C GLU A 69 24.80 10.71 16.63
N ILE A 70 23.65 10.05 16.72
CA ILE A 70 22.37 10.66 16.37
C ILE A 70 21.39 10.39 17.51
N GLN A 71 20.60 11.42 17.87
CA GLN A 71 19.64 11.32 18.96
C GLN A 71 18.20 11.56 18.55
N ASN A 72 17.94 12.41 17.55
CA ASN A 72 16.58 12.56 17.05
C ASN A 72 16.14 11.25 16.41
N LEU A 73 15.04 10.69 16.91
CA LEU A 73 14.71 9.30 16.61
C LEU A 73 14.20 9.11 15.18
N THR A 74 13.40 10.04 14.68
CA THR A 74 12.90 9.92 13.30
C THR A 74 14.04 9.94 12.30
N LEU A 75 15.03 10.81 12.51
CA LEU A 75 16.23 10.83 11.68
C LEU A 75 16.96 9.50 11.76
N LYS A 76 17.10 8.96 12.97
CA LYS A 76 17.78 7.69 13.18
C LYS A 76 17.09 6.58 12.40
N ARG A 77 15.75 6.59 12.41
CA ARG A 77 14.98 5.57 11.71
C ARG A 77 15.15 5.69 10.20
N GLN A 78 15.09 6.92 9.68
CA GLN A 78 15.28 7.10 8.25
C GLN A 78 16.68 6.66 7.81
N LEU A 79 17.69 6.95 8.64
CA LEU A 79 19.05 6.54 8.29
C LEU A 79 19.22 5.02 8.39
N LYS A 80 18.64 4.39 9.41
CA LYS A 80 18.70 2.93 9.49
C LYS A 80 18.04 2.29 8.28
N ALA A 81 16.86 2.77 7.91
CA ALA A 81 16.18 2.23 6.73
C ALA A 81 16.99 2.49 5.47
N LEU A 82 17.70 3.61 5.41
CA LEU A 82 18.51 3.91 4.24
C LEU A 82 19.82 3.14 4.21
N GLN A 83 20.29 2.64 5.35
CA GLN A 83 21.57 1.92 5.42
C GLN A 83 21.29 0.42 5.27
N HIS A 84 21.06 0.02 4.02
CA HIS A 84 20.81 -1.39 3.74
C HIS A 84 20.97 -1.61 2.24
N SER A 85 21.87 -2.51 1.85
CA SER A 85 22.17 -2.72 0.44
C SER A 85 21.33 -3.83 -0.20
N GLY A 86 20.86 -4.78 0.59
CA GLY A 86 20.09 -5.88 0.03
C GLY A 86 20.95 -6.70 -0.91
N THR A 87 20.34 -7.10 -2.04
CA THR A 87 21.03 -7.87 -3.06
C THR A 87 22.32 -7.20 -3.55
N SER A 88 22.52 -5.92 -3.23
CA SER A 88 23.73 -5.23 -3.67
C SER A 88 24.97 -5.74 -2.94
N VAL A 89 24.80 -6.30 -1.73
CA VAL A 89 25.99 -6.75 -0.99
C VAL A 89 26.63 -7.94 -1.68
N LEU A 90 25.92 -8.59 -2.58
CA LEU A 90 26.49 -9.67 -3.39
C LEU A 90 27.35 -9.10 -4.50
N SER A 91 28.22 -9.96 -5.03
CA SER A 91 29.00 -9.58 -6.21
C SER A 91 28.06 -9.34 -7.38
N ALA A 92 28.58 -8.63 -8.39
CA ALA A 92 27.81 -8.33 -9.58
C ALA A 92 27.33 -9.61 -10.27
N GLU A 93 28.21 -10.61 -10.38
CA GLU A 93 27.82 -11.90 -10.96
C GLU A 93 26.66 -12.51 -10.19
N LYS A 94 26.77 -12.55 -8.86
CA LYS A 94 25.73 -13.20 -8.06
C LYS A 94 24.42 -12.42 -8.13
N SER A 95 24.50 -11.08 -8.16
CA SER A 95 23.28 -10.28 -8.25
C SER A 95 22.58 -10.48 -9.59
N LYS A 96 23.34 -10.51 -10.69
CA LYS A 96 22.71 -10.76 -11.99
C LYS A 96 22.15 -12.17 -12.06
N ARG A 97 22.86 -13.16 -11.49
CA ARG A 97 22.33 -14.52 -11.44
C ARG A 97 21.01 -14.55 -10.69
N LEU A 98 20.95 -13.90 -9.53
CA LEU A 98 19.74 -13.89 -8.72
C LEU A 98 18.60 -13.21 -9.45
N ASN A 99 18.88 -12.10 -10.13
CA ASN A 99 17.83 -11.40 -10.87
C ASN A 99 17.31 -12.23 -12.03
N THR A 100 18.21 -12.92 -12.74
CA THR A 100 17.75 -13.79 -13.81
C THR A 100 16.96 -14.97 -13.26
N ILE A 101 17.35 -15.51 -12.10
CA ILE A 101 16.57 -16.59 -11.48
C ILE A 101 15.17 -16.09 -11.14
N LEU A 102 15.06 -14.92 -10.51
CA LEU A 102 13.76 -14.37 -10.18
C LEU A 102 12.91 -14.16 -11.44
N ASN A 103 13.53 -13.62 -12.49
CA ASN A 103 12.80 -13.39 -13.74
C ASN A 103 12.28 -14.69 -14.33
N LYS A 104 13.16 -15.69 -14.47
CA LYS A 104 12.73 -16.95 -15.06
C LYS A 104 11.63 -17.61 -14.22
N MET A 105 11.75 -17.57 -12.89
CA MET A 105 10.71 -18.14 -12.07
C MET A 105 9.37 -17.41 -12.25
N SER A 106 9.40 -16.08 -12.29
CA SER A 106 8.16 -15.34 -12.45
C SER A 106 7.52 -15.60 -13.80
N THR A 107 8.33 -15.69 -14.86
CA THR A 107 7.76 -15.98 -16.18
C THR A 107 7.28 -17.41 -16.30
N ILE A 108 8.00 -18.37 -15.70
CA ILE A 108 7.49 -19.74 -15.65
C ILE A 108 6.13 -19.78 -14.97
N TYR A 109 5.97 -19.00 -13.90
CA TYR A 109 4.68 -18.98 -13.21
C TYR A 109 3.60 -18.34 -14.06
N SER A 110 3.89 -17.19 -14.65
CA SER A 110 2.89 -16.43 -15.37
C SER A 110 2.52 -17.03 -16.73
N THR A 111 3.41 -17.81 -17.34
CA THR A 111 3.15 -18.39 -18.66
C THR A 111 2.98 -19.90 -18.62
N GLY A 112 2.99 -20.52 -17.45
CA GLY A 112 2.84 -21.96 -17.38
C GLY A 112 1.48 -22.40 -17.88
N LYS A 113 1.47 -23.51 -18.62
CA LYS A 113 0.26 -23.99 -19.27
C LYS A 113 0.27 -25.51 -19.28
N VAL A 114 -0.93 -26.10 -19.14
CA VAL A 114 -1.08 -27.58 -19.20
C VAL A 114 -2.25 -27.90 -20.12
N LEU A 115 -2.31 -29.12 -20.65
CA LEU A 115 -3.37 -29.41 -21.66
C LEU A 115 -4.34 -30.44 -21.12
N ASP A 116 -5.64 -30.15 -21.23
CA ASP A 116 -6.64 -31.17 -20.83
C ASP A 116 -6.26 -32.44 -21.57
N PRO A 117 -5.98 -33.57 -20.89
CA PRO A 117 -5.70 -34.80 -21.59
C PRO A 117 -6.86 -34.85 -22.58
N ASN A 118 -8.06 -34.48 -22.11
CA ASN A 118 -9.20 -34.37 -23.04
C ASN A 118 -8.79 -33.34 -24.11
N THR A 119 -8.69 -33.77 -25.36
CA THR A 119 -8.33 -32.86 -26.46
C THR A 119 -6.97 -32.25 -26.15
N GLN A 120 -6.87 -30.94 -26.22
CA GLN A 120 -5.63 -30.24 -25.84
C GLN A 120 -6.05 -29.04 -25.00
N GLU A 121 -6.75 -28.10 -25.62
CA GLU A 121 -7.31 -26.98 -24.83
C GLU A 121 -6.31 -26.61 -23.74
N CYS A 122 -5.05 -26.36 -24.12
CA CYS A 122 -4.07 -25.90 -23.11
C CYS A 122 -4.79 -24.87 -22.24
N LEU A 123 -4.54 -24.91 -20.94
CA LEU A 123 -5.18 -23.94 -20.03
C LEU A 123 -4.15 -23.45 -19.02
N ALA A 124 -3.97 -22.13 -18.93
CA ALA A 124 -2.98 -21.55 -18.00
C ALA A 124 -3.69 -21.17 -16.71
N LEU A 125 -2.93 -20.92 -15.65
CA LEU A 125 -3.56 -20.64 -14.34
C LEU A 125 -4.63 -19.57 -14.54
N GLU A 126 -4.43 -18.64 -15.48
CA GLU A 126 -5.45 -17.55 -15.55
C GLU A 126 -6.79 -18.17 -15.91
N PRO A 127 -7.93 -17.43 -15.94
CA PRO A 127 -9.26 -18.02 -16.13
C PRO A 127 -9.27 -19.54 -15.99
N GLY A 128 -9.23 -20.29 -17.10
CA GLY A 128 -9.34 -21.76 -16.98
C GLY A 128 -8.23 -22.35 -16.12
N LEU A 129 -8.40 -23.56 -15.60
CA LEU A 129 -7.36 -24.20 -14.78
C LEU A 129 -7.35 -23.47 -13.44
N ASP A 130 -8.17 -22.43 -13.33
CA ASP A 130 -8.39 -21.75 -12.03
C ASP A 130 -9.89 -21.93 -11.91
N ASP A 131 -10.60 -21.44 -12.92
CA ASP A 131 -12.04 -21.68 -13.01
C ASP A 131 -12.39 -23.12 -12.63
N ILE A 132 -11.56 -24.07 -13.07
CA ILE A 132 -11.76 -25.47 -12.68
C ILE A 132 -11.66 -25.61 -11.16
N MET A 133 -10.57 -25.10 -10.58
CA MET A 133 -10.37 -25.29 -9.15
C MET A 133 -11.41 -24.57 -8.30
N GLU A 134 -12.03 -23.51 -8.83
CA GLU A 134 -13.02 -22.74 -8.09
C GLU A 134 -14.46 -23.15 -8.38
N ASN A 135 -14.71 -23.89 -9.45
CA ASN A 135 -16.08 -24.17 -9.84
C ASN A 135 -16.41 -25.64 -10.04
N SER A 136 -15.43 -26.51 -10.30
CA SER A 136 -15.71 -27.90 -10.61
C SER A 136 -15.93 -28.71 -9.34
N ARG A 137 -16.93 -29.59 -9.40
CA ARG A 137 -17.16 -30.57 -8.35
C ARG A 137 -16.72 -31.96 -8.77
N ASP A 138 -16.38 -32.16 -10.05
CA ASP A 138 -15.85 -33.42 -10.54
C ASP A 138 -14.47 -33.71 -9.98
N TYR A 139 -14.37 -34.80 -9.22
CA TYR A 139 -13.12 -35.13 -8.53
C TYR A 139 -11.95 -35.27 -9.51
N ASN A 140 -12.22 -35.84 -10.69
CA ASN A 140 -11.13 -36.13 -11.63
C ASN A 140 -10.57 -34.85 -12.25
N ARG A 141 -11.44 -33.88 -12.56
CA ARG A 141 -10.99 -32.62 -13.12
C ARG A 141 -10.10 -31.87 -12.14
N ARG A 142 -10.55 -31.76 -10.88
CA ARG A 142 -9.77 -31.11 -9.83
C ARG A 142 -8.41 -31.76 -9.69
N LEU A 143 -8.37 -33.08 -9.62
CA LEU A 143 -7.11 -33.81 -9.47
C LEU A 143 -6.19 -33.58 -10.67
N TRP A 144 -6.74 -33.67 -11.88
CA TRP A 144 -5.91 -33.42 -13.06
C TRP A 144 -5.32 -32.02 -13.03
N ALA A 145 -6.15 -31.01 -12.75
CA ALA A 145 -5.66 -29.63 -12.75
C ALA A 145 -4.56 -29.45 -11.71
N TRP A 146 -4.82 -29.90 -10.48
CA TRP A 146 -3.85 -29.78 -9.40
C TRP A 146 -2.52 -30.43 -9.75
N GLU A 147 -2.56 -31.72 -10.10
CA GLU A 147 -1.34 -32.47 -10.34
C GLU A 147 -0.61 -31.97 -11.58
N GLY A 148 -1.36 -31.62 -12.63
CA GLY A 148 -0.73 -31.11 -13.84
C GLY A 148 -0.06 -29.78 -13.64
N TRP A 149 -0.68 -28.89 -12.86
CA TRP A 149 0.00 -27.65 -12.48
C TRP A 149 1.31 -27.95 -11.77
N ARG A 150 1.22 -28.68 -10.66
CA ARG A 150 2.42 -28.91 -9.84
C ARG A 150 3.48 -29.78 -10.54
N ALA A 151 3.13 -30.45 -11.64
CA ALA A 151 4.11 -31.20 -12.40
C ALA A 151 4.70 -30.42 -13.56
N GLU A 152 3.87 -29.68 -14.31
CA GLU A 152 4.33 -29.00 -15.51
C GLU A 152 4.97 -27.65 -15.20
N VAL A 153 4.67 -27.05 -14.05
CA VAL A 153 5.21 -25.74 -13.74
C VAL A 153 6.09 -25.81 -12.49
N GLY A 154 5.75 -26.69 -11.57
CA GLY A 154 6.56 -26.85 -10.37
C GLY A 154 7.90 -27.52 -10.60
N LYS A 155 7.90 -28.54 -11.45
CA LYS A 155 9.14 -29.25 -11.75
C LYS A 155 10.15 -28.34 -12.44
N GLN A 156 9.67 -27.35 -13.18
CA GLN A 156 10.56 -26.37 -13.80
C GLN A 156 11.22 -25.48 -12.75
N LEU A 157 10.53 -25.21 -11.65
CA LEU A 157 10.99 -24.26 -10.65
C LEU A 157 11.91 -24.88 -9.61
N ARG A 158 12.06 -26.20 -9.59
CA ARG A 158 12.82 -26.86 -8.53
C ARG A 158 14.29 -26.46 -8.51
N PRO A 159 15.08 -26.68 -9.57
CA PRO A 159 16.51 -26.30 -9.49
C PRO A 159 16.69 -24.79 -9.36
N LEU A 160 15.83 -24.03 -10.04
CA LEU A 160 15.84 -22.58 -9.89
C LEU A 160 15.61 -22.18 -8.44
N TYR A 161 14.68 -22.85 -7.76
CA TYR A 161 14.41 -22.48 -6.37
C TYR A 161 15.54 -22.90 -5.44
N GLU A 162 16.21 -24.01 -5.75
CA GLU A 162 17.38 -24.41 -4.97
C GLU A 162 18.48 -23.34 -5.08
N GLU A 163 18.84 -22.96 -6.31
CA GLU A 163 19.85 -21.92 -6.49
C GLU A 163 19.39 -20.58 -5.90
N TYR A 164 18.09 -20.31 -5.97
CA TYR A 164 17.50 -19.11 -5.36
C TYR A 164 17.74 -19.08 -3.86
N VAL A 165 17.44 -20.19 -3.19
CA VAL A 165 17.68 -20.27 -1.75
C VAL A 165 19.15 -20.08 -1.45
N VAL A 166 20.03 -20.72 -2.21
CA VAL A 166 21.47 -20.57 -1.97
C VAL A 166 21.89 -19.11 -2.05
N LEU A 167 21.58 -18.46 -3.18
CA LEU A 167 22.03 -17.09 -3.40
C LEU A 167 21.44 -16.13 -2.39
N GLU A 168 20.15 -16.28 -2.09
CA GLU A 168 19.50 -15.33 -1.22
C GLU A 168 19.86 -15.58 0.24
N ASN A 169 20.25 -16.81 0.58
CA ASN A 169 20.87 -17.06 1.87
C ASN A 169 22.22 -16.36 1.97
N GLU A 170 23.04 -16.45 0.92
CA GLU A 170 24.29 -15.69 0.91
C GLU A 170 24.04 -14.21 1.13
N MET A 171 23.02 -13.66 0.44
CA MET A 171 22.66 -12.25 0.60
C MET A 171 22.33 -11.93 2.05
N ALA A 172 21.45 -12.72 2.66
CA ALA A 172 21.05 -12.46 4.04
C ALA A 172 22.25 -12.54 4.98
N ARG A 173 23.10 -13.56 4.80
CA ARG A 173 24.27 -13.70 5.67
C ARG A 173 25.24 -12.54 5.49
N ALA A 174 25.33 -12.01 4.27
CA ALA A 174 26.15 -10.84 4.04
C ALA A 174 25.57 -9.61 4.71
N ASN A 175 24.24 -9.53 4.81
CA ASN A 175 23.62 -8.45 5.58
C ASN A 175 23.54 -8.75 7.07
N ASN A 176 24.37 -9.66 7.57
CA ASN A 176 24.46 -10.00 9.00
C ASN A 176 23.17 -10.61 9.55
N TYR A 177 22.32 -11.15 8.70
CA TYR A 177 21.22 -12.00 9.13
C TYR A 177 21.68 -13.45 9.07
N GLU A 178 21.02 -14.31 9.87
CA GLU A 178 21.44 -15.70 9.92
C GLU A 178 20.96 -16.51 8.72
N ASP A 179 19.87 -16.08 8.07
CA ASP A 179 19.37 -16.73 6.86
C ASP A 179 18.33 -15.80 6.25
N TYR A 180 17.85 -16.19 5.05
CA TYR A 180 16.91 -15.31 4.37
C TYR A 180 15.57 -15.23 5.11
N GLY A 181 15.18 -16.32 5.78
CA GLY A 181 13.96 -16.27 6.58
C GLY A 181 14.05 -15.27 7.71
N ASP A 182 15.20 -15.22 8.38
CA ASP A 182 15.44 -14.18 9.38
C ASP A 182 15.47 -12.79 8.74
N TYR A 183 15.99 -12.71 7.52
CA TYR A 183 15.98 -11.43 6.79
C TYR A 183 14.56 -10.94 6.58
N TRP A 184 13.63 -11.87 6.32
CA TRP A 184 12.22 -11.49 6.21
C TRP A 184 11.62 -11.14 7.57
N ARG A 185 11.92 -11.94 8.60
CA ARG A 185 11.40 -11.65 9.93
C ARG A 185 11.90 -10.31 10.46
N GLY A 186 12.99 -9.79 9.89
CA GLY A 186 13.50 -8.49 10.28
C GLY A 186 12.59 -7.31 10.03
N ASP A 187 11.40 -7.55 9.46
CA ASP A 187 10.44 -6.47 9.27
C ASP A 187 9.83 -6.03 10.59
N TYR A 188 9.56 -6.98 11.49
CA TYR A 188 8.91 -6.68 12.76
C TYR A 188 9.88 -6.18 13.82
N GLU A 189 11.18 -6.22 13.54
CA GLU A 189 12.18 -5.84 14.54
C GLU A 189 11.98 -4.39 14.97
N VAL A 190 12.11 -4.17 16.29
CA VAL A 190 12.13 -2.82 16.86
C VAL A 190 13.32 -2.74 17.81
N THR A 191 14.18 -1.76 17.59
CA THR A 191 15.39 -1.59 18.37
C THR A 191 15.44 -0.19 18.97
N GLY A 192 16.05 -0.09 20.14
CA GLY A 192 16.29 1.21 20.76
C GLY A 192 15.04 1.96 21.13
N ALA A 193 13.98 1.27 21.54
CA ALA A 193 12.72 1.89 21.98
C ALA A 193 12.20 1.07 23.16
N GLY A 194 12.54 1.51 24.37
CA GLY A 194 12.21 0.80 25.59
C GLY A 194 10.74 0.43 25.72
N ASP A 195 10.49 -0.78 26.25
CA ASP A 195 9.14 -1.31 26.45
C ASP A 195 8.41 -1.52 25.13
N TYR A 196 9.03 -1.14 24.01
CA TYR A 196 8.42 -1.25 22.70
C TYR A 196 9.27 -2.03 21.71
N ASP A 197 10.43 -2.53 22.14
CA ASP A 197 11.31 -3.28 21.25
C ASP A 197 10.67 -4.61 20.83
N TYR A 198 11.31 -5.26 19.87
CA TYR A 198 10.82 -6.53 19.34
C TYR A 198 11.92 -7.21 18.52
N SER A 199 12.17 -8.49 18.80
CA SER A 199 13.25 -9.22 18.15
C SER A 199 12.70 -10.08 17.02
N ARG A 200 13.63 -10.59 16.20
CA ARG A 200 13.24 -11.31 15.00
C ARG A 200 12.76 -12.73 15.28
N ASP A 201 13.16 -13.31 16.41
CA ASP A 201 12.69 -14.63 16.80
C ASP A 201 11.47 -14.58 17.72
N GLN A 202 11.24 -13.43 18.37
CA GLN A 202 10.00 -13.24 19.09
C GLN A 202 8.81 -13.43 18.16
N LEU A 203 8.98 -13.16 16.87
CA LEU A 203 7.92 -13.41 15.90
C LEU A 203 7.65 -14.90 15.74
N MET A 204 8.72 -15.70 15.62
CA MET A 204 8.62 -17.15 15.70
C MET A 204 7.73 -17.57 16.87
N LYS A 205 8.14 -17.17 18.07
CA LYS A 205 7.45 -17.60 19.27
C LYS A 205 5.99 -17.15 19.29
N ASP A 206 5.75 -15.86 19.01
CA ASP A 206 4.38 -15.34 19.08
C ASP A 206 3.48 -15.98 18.04
N VAL A 207 3.97 -16.17 16.82
CA VAL A 207 3.16 -16.82 15.79
C VAL A 207 2.79 -18.23 16.24
N GLU A 208 3.75 -18.98 16.78
CA GLU A 208 3.47 -20.35 17.17
C GLU A 208 2.50 -20.41 18.35
N ARG A 209 2.61 -19.46 19.28
CA ARG A 209 1.70 -19.42 20.43
C ARG A 209 0.28 -19.07 20.00
N THR A 210 0.14 -18.03 19.18
CA THR A 210 -1.18 -17.67 18.66
C THR A 210 -1.79 -18.79 17.83
N PHE A 211 -0.97 -19.57 17.12
CA PHE A 211 -1.52 -20.67 16.34
C PHE A 211 -1.92 -21.85 17.22
N GLU A 212 -1.18 -22.09 18.30
CA GLU A 212 -1.65 -23.00 19.34
C GLU A 212 -3.03 -22.61 19.84
N GLU A 213 -3.26 -21.32 20.06
CA GLU A 213 -4.60 -20.89 20.48
C GLU A 213 -5.62 -20.96 19.34
N ILE A 214 -5.18 -20.88 18.09
CA ILE A 214 -6.12 -20.94 16.98
C ILE A 214 -6.60 -22.37 16.73
N LYS A 215 -5.73 -23.37 16.94
CA LYS A 215 -5.96 -24.76 16.56
C LYS A 215 -7.35 -25.34 16.84
N PRO A 216 -8.00 -25.12 18.00
CA PRO A 216 -9.29 -25.79 18.22
C PRO A 216 -10.39 -25.37 17.25
N LEU A 217 -10.54 -24.07 17.02
CA LEU A 217 -11.51 -23.58 16.04
C LEU A 217 -11.24 -24.19 14.68
N TYR A 218 -9.98 -24.22 14.27
CA TYR A 218 -9.65 -24.78 12.97
C TYR A 218 -9.94 -26.27 12.92
N GLU A 219 -9.68 -27.00 14.02
CA GLU A 219 -9.96 -28.43 14.04
C GLU A 219 -11.44 -28.69 13.86
N GLN A 220 -12.30 -27.88 14.47
CA GLN A 220 -13.73 -28.14 14.32
C GLN A 220 -14.28 -27.66 12.99
N LEU A 221 -13.74 -26.56 12.44
CA LEU A 221 -14.07 -26.20 11.06
C LEU A 221 -13.64 -27.31 10.11
N HIS A 222 -12.47 -27.89 10.35
CA HIS A 222 -11.96 -28.97 9.52
C HIS A 222 -12.86 -30.20 9.61
N ALA A 223 -13.29 -30.55 10.82
CA ALA A 223 -14.18 -31.69 11.00
C ALA A 223 -15.51 -31.47 10.29
N TYR A 224 -16.10 -30.28 10.44
CA TYR A 224 -17.39 -30.01 9.81
C TYR A 224 -17.29 -29.99 8.29
N VAL A 225 -16.24 -29.36 7.77
CA VAL A 225 -16.07 -29.30 6.31
C VAL A 225 -15.79 -30.69 5.77
N ARG A 226 -15.02 -31.49 6.50
CA ARG A 226 -14.79 -32.87 6.10
C ARG A 226 -16.09 -33.66 6.10
N ALA A 227 -16.98 -33.38 7.06
CA ALA A 227 -18.28 -34.05 7.08
C ALA A 227 -19.10 -33.72 5.83
N LYS A 228 -19.24 -32.42 5.53
CA LYS A 228 -20.03 -32.02 4.36
C LYS A 228 -19.42 -32.55 3.07
N LEU A 229 -18.10 -32.44 2.93
CA LEU A 229 -17.45 -32.92 1.72
C LEU A 229 -17.52 -34.43 1.59
N MET A 230 -17.48 -35.15 2.72
CA MET A 230 -17.69 -36.60 2.67
C MET A 230 -19.11 -36.92 2.25
N ASP A 231 -20.07 -36.08 2.63
CA ASP A 231 -21.42 -36.22 2.11
C ASP A 231 -21.44 -36.11 0.59
N THR A 232 -20.65 -35.19 0.04
CA THR A 232 -20.67 -34.96 -1.42
C THR A 232 -19.60 -35.74 -2.19
N TYR A 233 -18.78 -36.55 -1.52
CA TYR A 233 -17.69 -37.30 -2.16
C TYR A 233 -17.50 -38.67 -1.52
N PRO A 234 -18.55 -39.48 -1.37
CA PRO A 234 -18.48 -40.62 -0.42
C PRO A 234 -17.26 -41.51 -0.55
N SER A 235 -16.92 -41.95 -1.75
CA SER A 235 -15.87 -42.95 -1.93
C SER A 235 -14.47 -42.35 -1.95
N TYR A 236 -14.33 -41.04 -1.68
CA TYR A 236 -13.06 -40.36 -1.86
C TYR A 236 -12.47 -39.75 -0.60
N ILE A 237 -13.21 -39.76 0.51
CA ILE A 237 -12.77 -39.04 1.71
C ILE A 237 -12.95 -39.95 2.92
N SER A 238 -11.85 -40.22 3.62
CA SER A 238 -11.96 -40.98 4.86
C SER A 238 -12.55 -40.08 5.95
N PRO A 239 -13.45 -40.61 6.79
CA PRO A 239 -14.05 -39.79 7.84
C PRO A 239 -13.07 -39.36 8.91
N THR A 240 -11.93 -40.02 9.03
CA THR A 240 -10.89 -39.65 9.98
C THR A 240 -9.63 -39.11 9.33
N GLY A 241 -9.57 -39.11 7.99
CA GLY A 241 -8.36 -38.70 7.29
C GLY A 241 -8.29 -37.21 7.04
N CYS A 242 -7.24 -36.82 6.33
CA CYS A 242 -6.99 -35.44 5.97
C CYS A 242 -7.71 -35.09 4.67
N LEU A 243 -7.90 -33.80 4.45
CA LEU A 243 -8.64 -33.33 3.28
C LEU A 243 -7.75 -33.41 2.05
N PRO A 244 -8.18 -34.08 0.97
CA PRO A 244 -7.40 -34.07 -0.27
C PRO A 244 -7.19 -32.65 -0.77
N ALA A 245 -5.94 -32.35 -1.17
CA ALA A 245 -5.54 -30.98 -1.47
C ALA A 245 -6.29 -30.40 -2.66
N HIS A 246 -6.63 -31.23 -3.65
CA HIS A 246 -7.25 -30.74 -4.87
C HIS A 246 -8.74 -30.47 -4.73
N LEU A 247 -9.31 -30.66 -3.55
CA LEU A 247 -10.75 -30.48 -3.34
C LEU A 247 -11.02 -29.37 -2.33
N LEU A 248 -10.24 -28.29 -2.37
CA LEU A 248 -10.28 -27.29 -1.32
C LEU A 248 -10.78 -25.92 -1.77
N GLY A 249 -11.09 -25.73 -3.05
CA GLY A 249 -11.70 -24.51 -3.53
C GLY A 249 -10.83 -23.66 -4.41
N ASP A 250 -9.51 -23.81 -4.33
CA ASP A 250 -8.61 -23.11 -5.23
C ASP A 250 -7.42 -24.04 -5.50
N MET A 251 -6.44 -23.52 -6.24
CA MET A 251 -5.34 -24.36 -6.72
C MET A 251 -4.46 -24.88 -5.59
N TRP A 252 -4.52 -24.26 -4.40
CA TRP A 252 -3.66 -24.66 -3.30
C TRP A 252 -4.40 -24.98 -2.02
N GLY A 253 -5.66 -24.62 -1.90
CA GLY A 253 -6.30 -24.62 -0.60
C GLY A 253 -5.96 -23.43 0.25
N ARG A 254 -5.49 -22.33 -0.37
CA ARG A 254 -5.18 -21.13 0.40
C ARG A 254 -6.42 -20.60 1.11
N PHE A 255 -7.54 -20.53 0.41
CA PHE A 255 -8.81 -20.14 1.01
C PHE A 255 -9.85 -21.23 0.74
N TRP A 256 -10.65 -21.53 1.77
CA TRP A 256 -11.78 -22.44 1.64
C TRP A 256 -13.05 -21.72 1.22
N THR A 257 -12.92 -20.57 0.54
CA THR A 257 -14.09 -19.76 0.22
C THR A 257 -15.06 -20.51 -0.68
N ASN A 258 -14.53 -21.13 -1.74
CA ASN A 258 -15.39 -21.73 -2.76
C ASN A 258 -16.13 -22.97 -2.28
N LEU A 259 -15.83 -23.47 -1.08
CA LEU A 259 -16.53 -24.63 -0.55
C LEU A 259 -17.87 -24.31 0.08
N TYR A 260 -18.20 -23.02 0.24
CA TYR A 260 -19.44 -22.62 0.87
C TYR A 260 -20.64 -23.31 0.22
N SER A 261 -20.63 -23.41 -1.11
CA SER A 261 -21.71 -24.04 -1.85
C SER A 261 -22.04 -25.43 -1.30
N LEU A 262 -21.03 -26.21 -0.95
CA LEU A 262 -21.23 -27.56 -0.46
C LEU A 262 -21.23 -27.66 1.06
N THR A 263 -20.96 -26.56 1.77
CA THR A 263 -20.83 -26.61 3.23
C THR A 263 -21.71 -25.63 3.98
N VAL A 264 -22.52 -24.83 3.30
CA VAL A 264 -23.33 -23.82 3.99
C VAL A 264 -24.23 -24.50 5.01
N PRO A 265 -24.28 -24.05 6.26
CA PRO A 265 -25.06 -24.78 7.28
C PRO A 265 -26.54 -24.86 6.98
N PHE A 266 -27.19 -23.74 6.70
CA PHE A 266 -28.65 -23.68 6.55
C PHE A 266 -28.98 -23.25 5.12
N GLU A 267 -29.09 -24.25 4.23
CA GLU A 267 -29.10 -24.01 2.80
C GLU A 267 -30.47 -23.61 2.26
N HIS A 268 -31.40 -23.34 3.19
CA HIS A 268 -32.80 -23.03 2.76
C HIS A 268 -33.20 -21.61 3.17
N LYS A 269 -32.22 -20.79 3.58
CA LYS A 269 -32.49 -19.39 3.97
C LYS A 269 -31.63 -18.45 3.11
N PRO A 270 -31.99 -17.17 2.90
CA PRO A 270 -31.20 -16.23 2.09
C PRO A 270 -29.69 -16.39 2.27
N SER A 271 -29.07 -16.86 1.17
CA SER A 271 -27.60 -17.02 1.18
C SER A 271 -27.07 -15.63 1.01
N ILE A 272 -25.89 -15.38 1.53
CA ILE A 272 -25.42 -13.98 1.49
C ILE A 272 -24.48 -13.78 0.31
N ASP A 273 -24.99 -13.42 -0.88
CA ASP A 273 -24.17 -13.15 -2.10
C ASP A 273 -24.98 -12.17 -2.96
N VAL A 274 -24.54 -10.92 -3.06
CA VAL A 274 -25.32 -9.86 -3.75
C VAL A 274 -25.04 -10.00 -5.24
N THR A 275 -24.24 -11.01 -5.60
CA THR A 275 -23.82 -11.16 -7.01
C THR A 275 -25.01 -10.92 -7.94
N GLU A 276 -26.25 -11.23 -7.53
CA GLU A 276 -27.36 -11.08 -8.49
C GLU A 276 -27.96 -9.69 -8.34
N LYS A 277 -28.25 -9.30 -7.10
CA LYS A 277 -28.91 -8.02 -6.87
C LYS A 277 -28.12 -6.87 -7.45
N MET A 278 -26.78 -6.94 -7.40
CA MET A 278 -25.96 -5.95 -8.09
C MET A 278 -26.21 -5.99 -9.59
N LYS A 279 -26.42 -7.19 -10.13
CA LYS A 279 -26.71 -7.33 -11.55
C LYS A 279 -28.13 -6.85 -11.87
N ASN A 280 -29.04 -6.95 -10.90
CA ASN A 280 -30.43 -6.56 -11.13
C ASN A 280 -30.62 -5.05 -11.00
N GLN A 281 -29.83 -4.38 -10.16
CA GLN A 281 -29.83 -2.92 -10.09
C GLN A 281 -28.86 -2.30 -11.09
N SER A 282 -28.28 -3.10 -11.98
CA SER A 282 -27.35 -2.64 -13.01
C SER A 282 -26.15 -1.92 -12.41
N TRP A 283 -25.48 -2.59 -11.48
CA TRP A 283 -24.24 -2.06 -10.92
C TRP A 283 -23.08 -2.31 -11.87
N ASP A 284 -22.21 -1.31 -12.00
CA ASP A 284 -20.93 -1.44 -12.68
C ASP A 284 -19.81 -1.27 -11.65
N ALA A 285 -18.57 -1.34 -12.14
CA ALA A 285 -17.42 -1.13 -11.26
C ALA A 285 -17.41 0.29 -10.70
N GLU A 286 -17.86 1.27 -11.49
CA GLU A 286 -17.97 2.64 -11.01
C GLU A 286 -18.83 2.73 -9.76
N ARG A 287 -19.99 2.06 -9.77
CA ARG A 287 -20.87 2.08 -8.61
C ARG A 287 -20.22 1.39 -7.41
N ILE A 288 -19.49 0.31 -7.65
CA ILE A 288 -18.84 -0.43 -6.57
C ILE A 288 -17.86 0.45 -5.82
N PHE A 289 -16.97 1.09 -6.57
CA PHE A 289 -15.95 1.93 -5.93
C PHE A 289 -16.55 3.22 -5.38
N LYS A 290 -17.62 3.74 -6.02
CA LYS A 290 -18.33 4.86 -5.42
C LYS A 290 -18.91 4.49 -4.06
N GLU A 291 -19.43 3.27 -3.93
CA GLU A 291 -19.98 2.83 -2.65
C GLU A 291 -18.87 2.62 -1.62
N ALA A 292 -17.72 2.13 -2.04
CA ALA A 292 -16.58 2.02 -1.12
C ALA A 292 -16.15 3.40 -0.62
N GLU A 293 -16.07 4.38 -1.53
CA GLU A 293 -15.76 5.75 -1.14
C GLU A 293 -16.79 6.30 -0.17
N LYS A 294 -18.08 6.03 -0.43
CA LYS A 294 -19.14 6.44 0.49
C LYS A 294 -18.93 5.81 1.87
N PHE A 295 -18.56 4.54 1.91
CA PHE A 295 -18.26 3.87 3.18
C PHE A 295 -17.19 4.63 3.94
N PHE A 296 -16.04 4.84 3.30
CA PHE A 296 -14.95 5.51 4.00
C PHE A 296 -15.34 6.92 4.44
N VAL A 297 -16.11 7.63 3.61
CA VAL A 297 -16.50 8.99 3.95
C VAL A 297 -17.43 8.99 5.16
N SER A 298 -18.33 8.01 5.24
CA SER A 298 -19.25 7.90 6.37
C SER A 298 -18.53 7.78 7.71
N ILE A 299 -17.22 7.53 7.71
CA ILE A 299 -16.48 7.29 8.92
C ILE A 299 -15.55 8.45 9.27
N GLY A 300 -15.51 9.48 8.44
CA GLY A 300 -14.64 10.62 8.68
C GLY A 300 -13.40 10.66 7.81
N LEU A 301 -13.29 9.76 6.86
CA LEU A 301 -12.17 9.63 5.94
C LEU A 301 -12.43 10.43 4.66
N PRO A 302 -11.38 10.94 4.02
CA PRO A 302 -11.60 11.78 2.84
C PRO A 302 -12.07 10.98 1.63
N TYR A 303 -12.75 11.69 0.73
CA TYR A 303 -13.07 11.13 -0.57
C TYR A 303 -11.79 10.77 -1.33
N MET A 304 -11.94 9.95 -2.36
CA MET A 304 -10.82 9.69 -3.25
C MET A 304 -10.44 10.96 -4.00
N THR A 305 -9.15 11.08 -4.33
CA THR A 305 -8.70 12.19 -5.15
C THR A 305 -9.33 12.09 -6.54
N GLN A 306 -9.46 13.23 -7.21
CA GLN A 306 -9.95 13.19 -8.58
C GLN A 306 -8.95 12.49 -9.50
N GLY A 307 -7.66 12.56 -9.16
CA GLY A 307 -6.66 11.81 -9.89
C GLY A 307 -6.85 10.31 -9.76
N PHE A 308 -7.42 9.87 -8.64
CA PHE A 308 -7.75 8.46 -8.47
C PHE A 308 -8.75 8.00 -9.53
N TRP A 309 -9.89 8.72 -9.63
CA TRP A 309 -10.91 8.35 -10.60
C TRP A 309 -10.42 8.46 -12.04
N ASP A 310 -9.53 9.42 -12.32
CA ASP A 310 -9.11 9.67 -13.69
C ASP A 310 -8.03 8.69 -14.14
N ASN A 311 -7.08 8.39 -13.26
CA ASN A 311 -5.92 7.57 -13.62
C ASN A 311 -6.08 6.09 -13.28
N SER A 312 -7.00 5.74 -12.38
CA SER A 312 -7.12 4.35 -11.96
C SER A 312 -7.72 3.50 -13.08
N MET A 313 -7.34 2.24 -13.09
CA MET A 313 -7.94 1.24 -13.98
C MET A 313 -8.79 0.31 -13.12
N LEU A 314 -10.11 0.48 -13.20
CA LEU A 314 -11.05 -0.28 -12.39
C LEU A 314 -11.74 -1.39 -13.15
N THR A 315 -11.48 -1.47 -14.46
CA THR A 315 -12.20 -2.45 -15.30
C THR A 315 -11.24 -3.08 -16.31
N GLU A 316 -11.37 -4.39 -16.54
CA GLU A 316 -10.55 -5.05 -17.59
C GLU A 316 -10.50 -4.15 -18.82
N PRO A 317 -9.31 -3.93 -19.43
CA PRO A 317 -9.19 -3.10 -20.62
C PRO A 317 -10.15 -3.58 -21.71
N GLY A 318 -11.21 -2.80 -21.96
CA GLY A 318 -12.22 -3.20 -22.96
C GLY A 318 -11.59 -3.67 -24.26
N ASP A 319 -10.64 -2.89 -24.78
CA ASP A 319 -10.03 -3.24 -26.09
C ASP A 319 -8.53 -3.00 -25.99
N GLY A 320 -8.03 -2.73 -24.79
CA GLY A 320 -6.57 -2.60 -24.61
C GLY A 320 -5.93 -3.97 -24.66
N ARG A 321 -4.71 -4.10 -24.16
CA ARG A 321 -4.02 -5.42 -24.30
C ARG A 321 -3.53 -5.90 -22.94
N LYS A 322 -3.75 -7.18 -22.66
CA LYS A 322 -3.16 -7.77 -21.43
C LYS A 322 -3.68 -7.03 -20.20
N VAL A 323 -2.80 -6.37 -19.46
CA VAL A 323 -3.18 -5.72 -18.17
C VAL A 323 -3.21 -6.80 -17.10
N VAL A 324 -2.32 -6.71 -16.10
CA VAL A 324 -2.34 -7.67 -14.96
C VAL A 324 -3.57 -7.35 -14.10
N CYS A 325 -4.29 -8.36 -13.61
CA CYS A 325 -5.54 -8.11 -12.86
C CYS A 325 -5.36 -8.23 -11.35
N HIS A 326 -4.23 -8.75 -10.87
CA HIS A 326 -4.10 -8.92 -9.43
C HIS A 326 -4.47 -7.62 -8.74
N PRO A 327 -5.52 -7.58 -7.91
CA PRO A 327 -5.97 -6.31 -7.30
C PRO A 327 -4.87 -5.72 -6.43
N THR A 328 -4.37 -4.56 -6.84
CA THR A 328 -3.30 -3.88 -6.15
C THR A 328 -3.66 -2.41 -5.95
N ALA A 329 -3.16 -1.83 -4.87
CA ALA A 329 -3.36 -0.42 -4.55
C ALA A 329 -2.03 0.30 -4.69
N TRP A 330 -1.97 1.30 -5.56
CA TRP A 330 -0.73 1.95 -5.94
C TRP A 330 -0.58 3.28 -5.23
N ASP A 331 0.58 3.49 -4.62
CA ASP A 331 0.96 4.77 -4.03
C ASP A 331 2.22 5.21 -4.77
N LEU A 332 2.01 5.77 -5.97
CA LEU A 332 3.12 6.13 -6.84
C LEU A 332 3.98 7.25 -6.25
N GLY A 333 3.47 7.96 -5.25
CA GLY A 333 4.09 9.18 -4.78
C GLY A 333 3.54 10.39 -5.49
N LYS A 334 3.96 11.56 -5.01
CA LYS A 334 3.49 12.85 -5.53
C LYS A 334 1.96 12.94 -5.51
N GLY A 335 1.38 12.51 -4.38
CA GLY A 335 -0.06 12.57 -4.21
C GLY A 335 -0.88 11.80 -5.23
N ASP A 336 -0.25 10.85 -5.93
CA ASP A 336 -0.93 10.11 -6.99
C ASP A 336 -1.26 8.72 -6.45
N PHE A 337 -2.55 8.45 -6.26
CA PHE A 337 -3.03 7.16 -5.80
C PHE A 337 -3.94 6.54 -6.84
N ARG A 338 -3.77 5.25 -7.08
CA ARG A 338 -4.54 4.54 -8.10
C ARG A 338 -4.84 3.13 -7.61
N ILE A 339 -5.81 2.50 -8.26
CA ILE A 339 -6.20 1.12 -7.96
C ILE A 339 -6.32 0.37 -9.28
N LYS A 340 -5.66 -0.77 -9.36
CA LYS A 340 -5.72 -1.66 -10.52
C LYS A 340 -6.47 -2.92 -10.12
N MET A 341 -7.67 -3.11 -10.66
CA MET A 341 -8.45 -4.30 -10.37
C MET A 341 -9.44 -4.54 -11.50
N CYS A 342 -9.40 -5.74 -12.08
CA CYS A 342 -10.34 -6.14 -13.12
C CYS A 342 -11.69 -6.47 -12.48
N THR A 343 -12.39 -5.42 -12.08
CA THR A 343 -13.57 -5.57 -11.23
C THR A 343 -14.71 -6.22 -12.00
N LYS A 344 -15.28 -7.25 -11.40
CA LYS A 344 -16.50 -7.89 -11.88
C LYS A 344 -17.67 -7.46 -10.99
N VAL A 345 -18.88 -7.57 -11.53
CA VAL A 345 -20.08 -7.21 -10.79
C VAL A 345 -20.46 -8.39 -9.90
N THR A 346 -19.66 -8.62 -8.86
CA THR A 346 -19.87 -9.70 -7.92
C THR A 346 -19.73 -9.17 -6.50
N MET A 347 -20.07 -10.01 -5.52
CA MET A 347 -19.85 -9.64 -4.13
C MET A 347 -18.37 -9.73 -3.76
N ASP A 348 -17.63 -10.61 -4.41
CA ASP A 348 -16.24 -10.84 -4.04
C ASP A 348 -15.38 -9.63 -4.37
N ASP A 349 -15.45 -9.16 -5.61
CA ASP A 349 -14.77 -7.93 -5.97
C ASP A 349 -15.32 -6.71 -5.25
N PHE A 350 -16.58 -6.77 -4.81
CA PHE A 350 -17.13 -5.67 -4.02
C PHE A 350 -16.42 -5.56 -2.67
N LEU A 351 -16.03 -6.69 -2.08
CA LEU A 351 -15.26 -6.65 -0.84
C LEU A 351 -13.79 -6.34 -1.11
N THR A 352 -13.26 -6.88 -2.21
CA THR A 352 -11.88 -6.58 -2.59
C THR A 352 -11.69 -5.09 -2.85
N ALA A 353 -12.72 -4.41 -3.36
CA ALA A 353 -12.62 -2.98 -3.60
C ALA A 353 -12.48 -2.20 -2.30
N HIS A 354 -13.25 -2.57 -1.27
CA HIS A 354 -13.09 -1.94 0.03
C HIS A 354 -11.71 -2.23 0.62
N HIS A 355 -11.21 -3.45 0.43
CA HIS A 355 -9.88 -3.79 0.90
C HIS A 355 -8.81 -2.90 0.26
N GLU A 356 -8.84 -2.79 -1.07
CA GLU A 356 -7.81 -2.03 -1.77
C GLU A 356 -7.96 -0.54 -1.52
N MET A 357 -9.20 -0.04 -1.38
CA MET A 357 -9.38 1.37 -1.07
C MET A 357 -8.97 1.69 0.36
N GLY A 358 -9.03 0.70 1.26
CA GLY A 358 -8.44 0.90 2.58
C GLY A 358 -6.92 0.98 2.50
N HIS A 359 -6.32 0.16 1.65
CA HIS A 359 -4.88 0.33 1.38
C HIS A 359 -4.60 1.77 0.95
N ILE A 360 -5.38 2.27 -0.01
CA ILE A 360 -5.20 3.64 -0.50
C ILE A 360 -5.43 4.66 0.60
N GLN A 361 -6.42 4.41 1.47
CA GLN A 361 -6.67 5.33 2.57
C GLN A 361 -5.46 5.41 3.50
N TYR A 362 -4.84 4.27 3.79
CA TYR A 362 -3.60 4.28 4.57
C TYR A 362 -2.53 5.10 3.87
N ASP A 363 -2.32 4.84 2.57
CA ASP A 363 -1.33 5.56 1.77
C ASP A 363 -1.56 7.07 1.84
N MET A 364 -2.82 7.50 1.75
CA MET A 364 -3.15 8.92 1.81
C MET A 364 -2.96 9.47 3.22
N ALA A 365 -3.19 8.64 4.24
CA ALA A 365 -3.04 9.10 5.61
C ALA A 365 -1.60 9.46 5.91
N TYR A 366 -0.65 8.55 5.61
CA TYR A 366 0.74 8.86 5.92
C TYR A 366 1.48 9.54 4.78
N ALA A 367 0.75 10.17 3.85
CA ALA A 367 1.42 10.85 2.74
C ALA A 367 2.15 12.11 3.20
N THR A 368 1.84 12.62 4.38
CA THR A 368 2.52 13.77 4.96
C THR A 368 3.82 13.41 5.66
N GLN A 369 4.08 12.11 5.89
CA GLN A 369 5.31 11.67 6.54
C GLN A 369 6.48 11.82 5.58
N PRO A 370 7.72 11.79 6.09
CA PRO A 370 8.87 11.71 5.20
C PRO A 370 8.80 10.47 4.33
N TYR A 371 9.45 10.53 3.16
CA TYR A 371 9.29 9.45 2.19
C TYR A 371 9.72 8.11 2.76
N LEU A 372 10.76 8.10 3.60
CA LEU A 372 11.26 6.86 4.16
C LEU A 372 10.33 6.28 5.21
N LEU A 373 9.46 7.10 5.81
CA LEU A 373 8.54 6.64 6.83
C LEU A 373 7.11 6.46 6.29
N ARG A 374 6.97 6.41 4.96
CA ARG A 374 5.67 6.22 4.32
C ARG A 374 5.43 4.73 4.10
N ASN A 375 5.01 4.06 5.17
CA ASN A 375 4.66 2.64 5.07
C ASN A 375 3.91 2.22 6.32
N GLY A 376 3.06 1.22 6.16
CA GLY A 376 2.46 0.58 7.32
C GLY A 376 3.52 0.11 8.28
N ALA A 377 3.17 0.13 9.57
CA ALA A 377 4.11 -0.15 10.65
C ALA A 377 4.99 -1.37 10.36
N ASN A 378 4.37 -2.54 10.24
CA ASN A 378 5.05 -3.72 9.75
C ASN A 378 4.47 -4.10 8.39
N GLU A 379 4.94 -5.23 7.85
CA GLU A 379 4.41 -5.72 6.59
C GLU A 379 2.93 -6.07 6.66
N GLY A 380 2.40 -6.25 7.86
CA GLY A 380 1.03 -6.69 8.03
C GLY A 380 0.02 -5.58 8.24
N PHE A 381 0.40 -4.53 8.97
CA PHE A 381 -0.49 -3.41 9.28
C PHE A 381 -1.26 -2.90 8.06
N HIS A 382 -0.65 -2.99 6.88
CA HIS A 382 -1.31 -2.56 5.67
C HIS A 382 -2.46 -3.50 5.33
N GLU A 383 -2.16 -4.81 5.31
CA GLU A 383 -3.16 -5.82 4.93
C GLU A 383 -4.30 -5.90 5.94
N ALA A 384 -4.01 -5.71 7.23
CA ALA A 384 -5.06 -5.79 8.24
C ALA A 384 -6.02 -4.62 8.13
N VAL A 385 -5.50 -3.42 7.87
CA VAL A 385 -6.35 -2.27 7.55
C VAL A 385 -7.22 -2.57 6.35
N GLY A 386 -6.64 -3.22 5.33
CA GLY A 386 -7.43 -3.62 4.18
C GLY A 386 -8.57 -4.57 4.54
N GLU A 387 -8.28 -5.54 5.42
CA GLU A 387 -9.26 -6.59 5.73
C GLU A 387 -10.36 -6.13 6.67
N ILE A 388 -10.10 -5.19 7.58
CA ILE A 388 -11.20 -4.77 8.46
C ILE A 388 -12.32 -4.11 7.65
N MET A 389 -11.98 -3.48 6.53
CA MET A 389 -12.98 -2.92 5.64
C MET A 389 -13.89 -4.00 5.07
N SER A 390 -13.30 -5.12 4.62
CA SER A 390 -14.12 -6.22 4.12
C SER A 390 -14.95 -6.84 5.23
N LEU A 391 -14.36 -6.96 6.43
CA LEU A 391 -15.10 -7.45 7.59
C LEU A 391 -16.38 -6.66 7.81
N SER A 392 -16.26 -5.33 7.80
CA SER A 392 -17.45 -4.49 8.01
C SER A 392 -18.39 -4.56 6.81
N ALA A 393 -17.84 -4.51 5.60
CA ALA A 393 -18.66 -4.40 4.39
C ALA A 393 -19.40 -5.69 4.06
N ALA A 394 -18.98 -6.82 4.63
CA ALA A 394 -19.65 -8.08 4.35
C ALA A 394 -20.81 -8.37 5.29
N THR A 395 -20.83 -7.63 6.40
CA THR A 395 -21.90 -7.78 7.41
C THR A 395 -23.27 -7.65 6.76
N PRO A 396 -24.21 -8.56 7.08
CA PRO A 396 -25.55 -8.50 6.53
C PRO A 396 -26.04 -7.05 6.58
N HIS A 397 -25.95 -6.42 7.75
CA HIS A 397 -26.43 -5.03 7.89
C HIS A 397 -25.85 -4.16 6.78
N TYR A 398 -24.52 -4.07 6.70
CA TYR A 398 -23.95 -3.13 5.72
C TYR A 398 -24.61 -3.38 4.38
N LEU A 399 -24.77 -4.65 4.00
CA LEU A 399 -25.42 -4.98 2.74
C LEU A 399 -26.88 -4.58 2.75
N LYS A 400 -27.55 -4.74 3.90
CA LYS A 400 -28.92 -4.28 4.03
C LYS A 400 -29.03 -2.79 3.73
N ALA A 401 -28.27 -1.97 4.46
CA ALA A 401 -28.38 -0.53 4.31
C ALA A 401 -27.95 -0.06 2.94
N LEU A 402 -27.08 -0.82 2.28
CA LEU A 402 -26.63 -0.52 0.93
C LEU A 402 -27.66 -0.85 -0.14
N GLY A 403 -28.81 -1.38 0.24
CA GLY A 403 -29.78 -1.82 -0.75
C GLY A 403 -29.36 -3.03 -1.54
N LEU A 404 -28.45 -3.82 -1.00
CA LEU A 404 -28.02 -5.07 -1.61
C LEU A 404 -28.51 -6.30 -0.87
N LEU A 405 -29.10 -6.14 0.30
CA LEU A 405 -29.73 -7.23 1.02
C LEU A 405 -31.12 -6.76 1.42
N ALA A 406 -32.16 -7.48 0.95
CA ALA A 406 -33.56 -7.16 1.15
C ALA A 406 -33.78 -6.64 2.57
N PRO A 407 -34.10 -5.34 2.72
CA PRO A 407 -34.35 -4.80 4.06
C PRO A 407 -35.30 -5.65 4.89
N ASP A 408 -36.29 -6.25 4.23
CA ASP A 408 -37.19 -7.23 4.83
C ASP A 408 -36.50 -8.59 4.89
N PHE A 409 -35.65 -8.75 5.89
CA PHE A 409 -34.88 -9.99 6.04
C PHE A 409 -34.33 -10.00 7.45
N TYR A 410 -34.59 -11.08 8.19
CA TYR A 410 -34.25 -11.15 9.60
C TYR A 410 -32.86 -11.76 9.80
N GLU A 411 -31.99 -11.02 10.49
CA GLU A 411 -30.70 -11.56 10.91
C GLU A 411 -30.96 -12.57 12.03
N ASP A 412 -31.42 -13.75 11.63
CA ASP A 412 -31.72 -14.82 12.57
C ASP A 412 -30.48 -15.65 12.87
N ASN A 413 -30.61 -16.56 13.84
CA ASN A 413 -29.54 -17.45 14.27
C ASN A 413 -28.88 -18.13 13.07
N GLU A 414 -29.69 -18.55 12.10
CA GLU A 414 -29.22 -19.45 11.06
C GLU A 414 -28.48 -18.69 9.95
N THR A 415 -28.98 -17.50 9.58
CA THR A 415 -28.24 -16.66 8.64
C THR A 415 -26.95 -16.14 9.24
N GLU A 416 -26.95 -15.85 10.54
CA GLU A 416 -25.72 -15.45 11.21
C GLU A 416 -24.70 -16.59 11.20
N ILE A 417 -25.16 -17.82 11.40
CA ILE A 417 -24.26 -18.98 11.31
C ILE A 417 -23.77 -19.16 9.88
N ASN A 418 -24.62 -18.90 8.89
CA ASN A 418 -24.19 -19.03 7.50
C ASN A 418 -23.12 -18.00 7.16
N PHE A 419 -23.33 -16.75 7.60
CA PHE A 419 -22.34 -15.70 7.39
C PHE A 419 -21.04 -16.01 8.12
N LEU A 420 -21.13 -16.50 9.36
CA LEU A 420 -19.94 -16.91 10.10
C LEU A 420 -19.21 -18.03 9.39
N LEU A 421 -19.93 -18.99 8.82
CA LEU A 421 -19.28 -20.12 8.19
C LEU A 421 -18.56 -19.69 6.91
N LYS A 422 -19.18 -18.81 6.13
CA LYS A 422 -18.48 -18.24 4.97
C LYS A 422 -17.23 -17.47 5.40
N GLN A 423 -17.39 -16.59 6.39
CA GLN A 423 -16.28 -15.78 6.86
C GLN A 423 -15.14 -16.66 7.36
N ALA A 424 -15.48 -17.78 8.01
CA ALA A 424 -14.45 -18.66 8.53
C ALA A 424 -13.79 -19.46 7.40
N LEU A 425 -14.59 -19.93 6.43
CA LEU A 425 -14.02 -20.58 5.26
C LEU A 425 -12.98 -19.70 4.61
N THR A 426 -13.21 -18.39 4.56
CA THR A 426 -12.24 -17.51 3.93
C THR A 426 -11.07 -17.18 4.85
N ILE A 427 -11.36 -16.71 6.07
CA ILE A 427 -10.34 -16.14 6.94
C ILE A 427 -9.63 -17.21 7.75
N VAL A 428 -10.39 -18.09 8.40
CA VAL A 428 -9.78 -19.09 9.28
C VAL A 428 -9.03 -20.14 8.47
N GLY A 429 -9.56 -20.51 7.29
CA GLY A 429 -8.93 -21.54 6.50
C GLY A 429 -7.52 -21.17 6.06
N THR A 430 -7.30 -19.89 5.76
CA THR A 430 -6.00 -19.45 5.27
C THR A 430 -4.92 -19.42 6.34
N LEU A 431 -5.28 -19.52 7.63
CA LEU A 431 -4.31 -19.32 8.70
C LEU A 431 -3.36 -20.50 8.87
N PRO A 432 -3.85 -21.75 8.97
CA PRO A 432 -2.89 -22.86 9.04
C PRO A 432 -2.09 -23.02 7.76
N PHE A 433 -2.73 -22.84 6.61
CA PHE A 433 -2.03 -22.82 5.32
C PHE A 433 -0.87 -21.82 5.35
N THR A 434 -1.17 -20.57 5.72
CA THR A 434 -0.17 -19.52 5.70
C THR A 434 0.96 -19.81 6.69
N TYR A 435 0.61 -20.12 7.93
CA TYR A 435 1.64 -20.42 8.94
C TYR A 435 2.51 -21.58 8.50
N MET A 436 1.90 -22.62 7.94
CA MET A 436 2.67 -23.81 7.55
C MET A 436 3.59 -23.50 6.37
N LEU A 437 3.11 -22.76 5.38
CA LEU A 437 3.95 -22.42 4.24
C LEU A 437 5.13 -21.56 4.66
N GLU A 438 4.87 -20.53 5.47
CA GLU A 438 5.98 -19.69 5.92
C GLU A 438 6.92 -20.45 6.83
N LYS A 439 6.41 -21.42 7.60
CA LYS A 439 7.29 -22.23 8.44
C LYS A 439 8.19 -23.12 7.61
N TRP A 440 7.64 -23.72 6.55
CA TRP A 440 8.46 -24.50 5.63
C TRP A 440 9.54 -23.64 4.99
N ARG A 441 9.17 -22.44 4.52
CA ARG A 441 10.18 -21.53 3.98
C ARG A 441 11.25 -21.20 5.00
N TRP A 442 10.83 -20.88 6.23
CA TRP A 442 11.78 -20.51 7.27
C TRP A 442 12.77 -21.64 7.52
N MET A 443 12.28 -22.88 7.54
CA MET A 443 13.18 -24.01 7.80
C MET A 443 14.09 -24.27 6.61
N VAL A 444 13.58 -24.11 5.39
CA VAL A 444 14.43 -24.31 4.21
C VAL A 444 15.57 -23.28 4.20
N PHE A 445 15.26 -22.03 4.56
CA PHE A 445 16.30 -21.00 4.59
C PHE A 445 17.26 -21.22 5.76
N LYS A 446 16.75 -21.60 6.93
CA LYS A 446 17.59 -21.89 8.09
C LYS A 446 18.43 -23.15 7.89
N GLY A 447 18.13 -23.96 6.87
CA GLY A 447 18.91 -25.13 6.57
C GLY A 447 18.49 -26.38 7.30
N GLU A 448 17.31 -26.36 7.95
CA GLU A 448 16.87 -27.50 8.73
C GLU A 448 16.14 -28.55 7.90
N ILE A 449 15.85 -28.27 6.63
CA ILE A 449 15.26 -29.26 5.74
C ILE A 449 16.23 -29.54 4.61
N PRO A 450 16.82 -30.73 4.53
CA PRO A 450 17.74 -31.02 3.42
C PRO A 450 16.99 -31.02 2.09
N LYS A 451 17.76 -30.76 1.02
CA LYS A 451 17.16 -30.71 -0.32
C LYS A 451 16.48 -32.02 -0.67
N GLN A 452 17.07 -33.15 -0.25
CA GLN A 452 16.53 -34.46 -0.67
C GLN A 452 15.26 -34.83 0.13
N GLN A 453 14.80 -33.93 0.99
CA GLN A 453 13.52 -34.15 1.72
C GLN A 453 12.65 -32.91 1.57
N TRP A 454 13.11 -31.94 0.79
CA TRP A 454 12.38 -30.65 0.63
C TRP A 454 10.88 -30.91 0.58
N MET A 455 10.43 -31.74 -0.36
CA MET A 455 8.96 -31.91 -0.55
C MET A 455 8.40 -32.92 0.47
N GLU A 456 9.08 -34.05 0.66
CA GLU A 456 8.64 -35.06 1.66
C GLU A 456 8.20 -34.32 2.93
N LYS A 457 9.02 -33.36 3.36
CA LYS A 457 8.71 -32.57 4.57
C LYS A 457 7.62 -31.55 4.24
N TRP A 458 7.52 -31.11 2.99
CA TRP A 458 6.42 -30.19 2.62
C TRP A 458 5.11 -30.88 2.94
N TRP A 459 4.93 -32.07 2.40
CA TRP A 459 3.63 -32.77 2.61
C TRP A 459 3.48 -33.20 4.06
N GLU A 460 4.52 -33.78 4.68
CA GLU A 460 4.30 -34.12 6.08
C GLU A 460 3.66 -32.94 6.80
N MET A 461 4.20 -31.74 6.57
CA MET A 461 3.72 -30.56 7.27
C MET A 461 2.30 -30.20 6.88
N LYS A 462 1.91 -30.49 5.63
CA LYS A 462 0.51 -30.34 5.24
C LYS A 462 -0.38 -31.28 6.03
N ARG A 463 0.04 -32.54 6.19
CA ARG A 463 -0.78 -33.51 6.93
C ARG A 463 -0.88 -33.11 8.39
N GLU A 464 0.25 -32.75 8.99
CA GLU A 464 0.32 -32.52 10.43
C GLU A 464 -0.37 -31.21 10.82
N ILE A 465 0.06 -30.10 10.21
CA ILE A 465 -0.42 -28.78 10.62
C ILE A 465 -1.75 -28.44 9.95
N VAL A 466 -1.83 -28.65 8.64
CA VAL A 466 -2.98 -28.19 7.88
C VAL A 466 -4.13 -29.21 7.85
N GLY A 467 -3.84 -30.49 8.07
CA GLY A 467 -4.86 -31.49 7.92
C GLY A 467 -5.23 -31.75 6.47
N VAL A 468 -4.27 -31.57 5.57
CA VAL A 468 -4.47 -31.73 4.14
C VAL A 468 -3.41 -32.68 3.61
N VAL A 469 -3.81 -33.56 2.69
CA VAL A 469 -2.92 -34.59 2.17
C VAL A 469 -2.83 -34.47 0.67
N GLU A 470 -1.65 -34.76 0.12
CA GLU A 470 -1.52 -34.75 -1.33
C GLU A 470 -2.22 -35.97 -1.93
N PRO A 471 -2.96 -35.79 -3.02
CA PRO A 471 -3.65 -36.91 -3.66
C PRO A 471 -2.76 -37.80 -4.50
N LEU A 472 -1.56 -37.35 -4.86
CA LEU A 472 -0.63 -38.12 -5.67
C LEU A 472 0.74 -38.02 -5.00
N PRO A 473 1.46 -39.14 -4.82
CA PRO A 473 2.79 -39.06 -4.17
C PRO A 473 3.78 -38.25 -5.01
N HIS A 474 4.39 -37.25 -4.37
CA HIS A 474 5.29 -36.34 -5.14
C HIS A 474 6.75 -36.60 -4.76
N ASP A 475 7.60 -36.89 -5.74
CA ASP A 475 9.06 -37.06 -5.46
C ASP A 475 9.70 -35.67 -5.43
N GLU A 476 10.92 -35.56 -4.89
CA GLU A 476 11.57 -34.24 -4.74
C GLU A 476 11.65 -33.55 -6.10
N THR A 477 11.42 -34.26 -7.19
CA THR A 477 11.38 -33.60 -8.51
C THR A 477 10.40 -32.43 -8.45
N TYR A 478 9.37 -32.54 -7.62
CA TYR A 478 8.34 -31.53 -7.57
C TYR A 478 8.82 -30.32 -6.77
N CYS A 479 8.06 -29.23 -6.85
CA CYS A 479 8.33 -28.04 -6.07
C CYS A 479 6.98 -27.35 -5.81
N ASP A 480 6.10 -28.06 -5.13
CA ASP A 480 4.75 -27.57 -4.90
C ASP A 480 4.69 -26.23 -4.17
N PRO A 481 5.61 -25.89 -3.25
CA PRO A 481 5.61 -24.53 -2.69
C PRO A 481 5.70 -23.47 -3.78
N ALA A 482 6.72 -23.60 -4.64
CA ALA A 482 6.92 -22.65 -5.72
C ALA A 482 5.76 -22.61 -6.70
N CYS A 483 4.80 -23.54 -6.59
CA CYS A 483 3.62 -23.49 -7.43
C CYS A 483 2.63 -22.42 -6.99
N LEU A 484 2.79 -21.85 -5.80
CA LEU A 484 1.97 -20.74 -5.37
C LEU A 484 2.63 -19.42 -5.76
N PHE A 485 1.79 -18.43 -6.09
CA PHE A 485 2.26 -17.14 -6.59
C PHE A 485 3.37 -16.56 -5.71
N HIS A 486 3.10 -16.40 -4.42
CA HIS A 486 4.00 -15.65 -3.56
C HIS A 486 5.35 -16.35 -3.39
N VAL A 487 5.38 -17.67 -3.49
CA VAL A 487 6.64 -18.39 -3.34
C VAL A 487 7.52 -18.18 -4.56
N ALA A 488 6.93 -18.23 -5.75
CA ALA A 488 7.69 -18.19 -6.99
C ALA A 488 8.17 -16.79 -7.36
N GLU A 489 7.67 -15.74 -6.71
CA GLU A 489 8.11 -14.39 -7.02
C GLU A 489 8.66 -13.67 -5.79
N ASP A 490 9.20 -14.41 -4.83
CA ASP A 490 9.97 -13.87 -3.71
C ASP A 490 9.15 -12.84 -2.92
N TYR A 491 8.13 -13.34 -2.23
CA TYR A 491 7.30 -12.53 -1.35
C TYR A 491 7.15 -13.23 -0.01
N SER A 492 7.39 -12.50 1.07
CA SER A 492 7.10 -13.04 2.39
C SER A 492 5.62 -13.35 2.52
N PHE A 493 5.30 -14.41 3.24
CA PHE A 493 3.92 -14.88 3.34
C PHE A 493 3.33 -14.76 4.74
N ILE A 494 4.14 -14.64 5.79
CA ILE A 494 3.62 -14.50 7.14
C ILE A 494 2.86 -13.21 7.33
N ARG A 495 2.92 -12.29 6.37
CA ARG A 495 2.17 -11.04 6.48
C ARG A 495 0.67 -11.29 6.50
N TYR A 496 0.21 -12.39 5.90
CA TYR A 496 -1.22 -12.69 5.91
C TYR A 496 -1.64 -13.30 7.24
N TYR A 497 -0.77 -14.08 7.87
CA TYR A 497 -1.01 -14.54 9.23
C TYR A 497 -1.17 -13.35 10.17
N THR A 498 -0.14 -12.51 10.25
CA THR A 498 -0.15 -11.37 11.16
C THR A 498 -1.23 -10.35 10.79
N ARG A 499 -1.58 -10.26 9.50
CA ARG A 499 -2.73 -9.46 9.10
C ARG A 499 -4.00 -9.95 9.80
N THR A 500 -4.22 -11.26 9.77
CA THR A 500 -5.46 -11.80 10.33
C THR A 500 -5.50 -11.65 11.85
N ILE A 501 -4.35 -11.63 12.51
CA ILE A 501 -4.35 -11.44 13.96
C ILE A 501 -4.62 -9.98 14.30
N TYR A 502 -3.92 -9.06 13.63
CA TYR A 502 -4.08 -7.64 13.92
C TYR A 502 -5.49 -7.17 13.57
N GLN A 503 -6.06 -7.68 12.48
CA GLN A 503 -7.31 -7.13 11.97
C GLN A 503 -8.47 -7.30 12.94
N PHE A 504 -8.37 -8.23 13.89
CA PHE A 504 -9.45 -8.39 14.86
C PHE A 504 -9.21 -7.59 16.13
N GLN A 505 -7.95 -7.33 16.50
CA GLN A 505 -7.68 -6.33 17.52
C GLN A 505 -8.19 -4.96 17.08
N PHE A 506 -7.72 -4.49 15.92
CA PHE A 506 -8.25 -3.26 15.32
C PHE A 506 -9.76 -3.26 15.32
N HIS A 507 -10.36 -4.25 14.66
CA HIS A 507 -11.80 -4.24 14.44
C HIS A 507 -12.58 -4.32 15.73
N GLU A 508 -11.99 -4.88 16.79
CA GLU A 508 -12.63 -4.84 18.10
C GLU A 508 -12.59 -3.44 18.68
N ALA A 509 -11.41 -2.82 18.71
CA ALA A 509 -11.27 -1.49 19.29
C ALA A 509 -12.11 -0.46 18.52
N LEU A 510 -12.16 -0.60 17.20
CA LEU A 510 -12.99 0.32 16.40
C LEU A 510 -14.47 0.06 16.59
N CYS A 511 -14.86 -1.18 16.84
CA CYS A 511 -16.27 -1.47 17.11
C CYS A 511 -16.67 -1.10 18.53
N LYS A 512 -15.70 -1.00 19.45
CA LYS A 512 -15.99 -0.43 20.76
C LYS A 512 -16.21 1.08 20.65
N THR A 513 -15.42 1.75 19.82
CA THR A 513 -15.64 3.18 19.58
C THR A 513 -17.00 3.42 18.93
N ALA A 514 -17.39 2.56 18.00
CA ALA A 514 -18.66 2.71 17.30
C ALA A 514 -19.86 2.26 18.13
N LYS A 515 -19.65 1.88 19.39
CA LYS A 515 -20.72 1.54 20.32
C LYS A 515 -21.51 0.31 19.86
N HIS A 516 -20.85 -0.65 19.20
CA HIS A 516 -21.54 -1.81 18.67
C HIS A 516 -21.95 -2.76 19.79
N GLU A 517 -23.18 -3.28 19.68
CA GLU A 517 -23.75 -4.21 20.64
C GLU A 517 -23.91 -5.58 20.01
N GLY A 518 -23.70 -6.62 20.82
CA GLY A 518 -23.83 -7.99 20.36
C GLY A 518 -22.48 -8.60 20.05
N ALA A 519 -22.54 -9.80 19.47
CA ALA A 519 -21.32 -10.53 19.12
C ALA A 519 -20.49 -9.72 18.14
N LEU A 520 -19.17 -9.72 18.36
CA LEU A 520 -18.29 -8.84 17.62
C LEU A 520 -18.39 -9.06 16.12
N PHE A 521 -18.79 -10.26 15.70
CA PHE A 521 -18.80 -10.57 14.27
C PHE A 521 -19.89 -9.84 13.49
N LYS A 522 -20.93 -9.34 14.16
CA LYS A 522 -22.00 -8.63 13.48
C LYS A 522 -21.76 -7.13 13.40
N CYS A 523 -20.52 -6.69 13.55
CA CYS A 523 -20.30 -5.27 13.78
C CYS A 523 -20.27 -4.50 12.46
N ASP A 524 -20.73 -3.26 12.53
CA ASP A 524 -20.73 -2.35 11.39
C ASP A 524 -20.21 -1.01 11.89
N ILE A 525 -19.09 -0.56 11.33
CA ILE A 525 -18.48 0.70 11.76
C ILE A 525 -18.88 1.87 10.88
N SER A 526 -19.76 1.66 9.91
CA SER A 526 -20.22 2.76 9.09
C SER A 526 -20.95 3.79 9.95
N ASN A 527 -20.89 5.05 9.51
CA ASN A 527 -21.58 6.17 10.13
C ASN A 527 -21.04 6.53 11.51
N SER A 528 -19.82 6.10 11.84
CA SER A 528 -19.21 6.35 13.14
C SER A 528 -17.88 7.08 12.94
N THR A 529 -17.88 8.38 13.20
CA THR A 529 -16.68 9.17 13.02
C THR A 529 -15.66 8.93 14.14
N GLU A 530 -16.13 8.54 15.33
CA GLU A 530 -15.20 8.25 16.43
C GLU A 530 -14.32 7.05 16.09
N ALA A 531 -14.86 6.09 15.33
CA ALA A 531 -14.06 4.95 14.91
C ALA A 531 -12.98 5.38 13.93
N GLY A 532 -13.34 6.16 12.92
CA GLY A 532 -12.37 6.59 11.94
C GLY A 532 -11.34 7.55 12.49
N GLN A 533 -11.75 8.39 13.45
CA GLN A 533 -10.79 9.24 14.15
C GLN A 533 -9.74 8.39 14.84
N ARG A 534 -10.19 7.36 15.57
CA ARG A 534 -9.27 6.45 16.24
C ARG A 534 -8.33 5.77 15.25
N LEU A 535 -8.87 5.38 14.08
CA LEU A 535 -8.06 4.70 13.09
C LEU A 535 -7.03 5.63 12.46
N LEU A 536 -7.40 6.88 12.23
CA LEU A 536 -6.47 7.83 11.63
C LEU A 536 -5.30 8.14 12.55
N GLN A 537 -5.55 8.20 13.86
CA GLN A 537 -4.46 8.44 14.81
C GLN A 537 -3.33 7.42 14.67
N MET A 538 -3.63 6.24 14.12
CA MET A 538 -2.58 5.28 13.80
C MET A 538 -2.14 5.38 12.35
N LEU A 539 -3.10 5.56 11.43
CA LEU A 539 -2.75 5.58 10.00
C LEU A 539 -1.79 6.71 9.67
N ARG A 540 -2.11 7.93 10.11
CA ARG A 540 -1.26 9.08 9.82
C ARG A 540 0.15 8.93 10.34
N LEU A 541 0.38 7.99 11.26
CA LEU A 541 1.73 7.78 11.79
C LEU A 541 2.66 7.19 10.73
N GLY A 542 2.14 6.35 9.84
CA GLY A 542 3.03 5.61 8.96
C GLY A 542 3.87 4.68 9.80
N LYS A 543 5.17 4.65 9.56
CA LYS A 543 6.10 3.94 10.42
C LYS A 543 7.05 4.90 11.14
N SER A 544 6.59 6.11 11.44
CA SER A 544 7.36 7.05 12.25
C SER A 544 7.35 6.68 13.71
N GLU A 545 6.76 5.52 14.03
CA GLU A 545 6.69 5.01 15.38
C GLU A 545 6.70 3.49 15.25
N PRO A 546 7.40 2.78 16.14
CA PRO A 546 7.33 1.32 16.12
C PRO A 546 5.89 0.85 16.25
N TRP A 547 5.58 -0.19 15.49
CA TRP A 547 4.18 -0.67 15.39
C TRP A 547 3.58 -0.88 16.78
N THR A 548 4.37 -1.44 17.69
CA THR A 548 3.87 -1.59 19.08
C THR A 548 3.04 -0.36 19.42
N LEU A 549 3.62 0.83 19.29
CA LEU A 549 2.88 2.07 19.71
C LEU A 549 1.64 2.26 18.85
N ALA A 550 1.81 2.37 17.53
CA ALA A 550 0.64 2.64 16.66
C ALA A 550 -0.50 1.76 17.15
N LEU A 551 -0.16 0.51 17.42
CA LEU A 551 -1.16 -0.45 17.88
C LEU A 551 -1.81 0.02 19.18
N GLU A 552 -1.01 0.56 20.09
CA GLU A 552 -1.55 1.17 21.30
C GLU A 552 -2.52 2.30 20.96
N ASN A 553 -2.23 3.05 19.89
CA ASN A 553 -3.08 4.17 19.50
C ASN A 553 -4.46 3.71 19.05
N ILE A 554 -4.65 2.42 18.81
CA ILE A 554 -5.98 1.89 18.48
C ILE A 554 -6.47 0.98 19.59
N VAL A 555 -5.85 -0.20 19.74
CA VAL A 555 -6.36 -1.20 20.67
C VAL A 555 -5.91 -0.98 22.10
N GLY A 556 -4.94 -0.10 22.31
CA GLY A 556 -4.40 0.14 23.63
C GLY A 556 -3.28 -0.78 24.06
N ILE A 557 -3.06 -1.88 23.34
CA ILE A 557 -2.03 -2.84 23.70
C ILE A 557 -0.90 -2.74 22.69
N LYS A 558 0.16 -3.53 22.89
CA LYS A 558 1.28 -3.60 21.96
C LYS A 558 1.64 -5.05 21.67
N THR A 559 0.68 -5.95 21.79
CA THR A 559 0.91 -7.38 21.64
C THR A 559 -0.02 -7.97 20.59
N MET A 560 0.45 -9.02 19.95
CA MET A 560 -0.31 -9.75 18.92
C MET A 560 -1.23 -10.75 19.61
N ASP A 561 -2.54 -10.53 19.51
CA ASP A 561 -3.51 -11.29 20.27
C ASP A 561 -4.52 -11.96 19.34
N VAL A 562 -4.77 -13.25 19.58
CA VAL A 562 -5.81 -13.95 18.85
C VAL A 562 -7.16 -13.84 19.53
N LYS A 563 -7.19 -13.45 20.81
CA LYS A 563 -8.45 -13.37 21.53
C LYS A 563 -9.54 -12.58 20.80
N PRO A 564 -9.25 -11.48 20.10
CA PRO A 564 -10.33 -10.84 19.32
C PRO A 564 -10.83 -11.69 18.17
N LEU A 565 -9.93 -12.34 17.43
CA LEU A 565 -10.33 -13.30 16.41
C LEU A 565 -11.27 -14.36 16.98
N LEU A 566 -10.92 -14.89 18.15
CA LEU A 566 -11.74 -15.94 18.75
C LEU A 566 -13.05 -15.40 19.28
N ASN A 567 -13.07 -14.13 19.70
CA ASN A 567 -14.33 -13.52 20.11
C ASN A 567 -15.24 -13.29 18.91
N TYR A 568 -14.67 -12.88 17.78
CA TYR A 568 -15.43 -12.75 16.54
C TYR A 568 -16.15 -14.06 16.21
N PHE A 569 -15.41 -15.17 16.24
CA PHE A 569 -15.89 -16.46 15.77
C PHE A 569 -16.40 -17.35 16.89
N GLU A 570 -16.54 -16.83 18.11
CA GLU A 570 -17.06 -17.62 19.21
C GLU A 570 -18.44 -18.23 18.94
N PRO A 571 -19.42 -17.53 18.35
CA PRO A 571 -20.69 -18.21 18.04
C PRO A 571 -20.53 -19.39 17.12
N LEU A 572 -19.73 -19.25 16.05
CA LEU A 572 -19.51 -20.39 15.16
C LEU A 572 -18.69 -21.46 15.84
N PHE A 573 -17.84 -21.08 16.81
CA PHE A 573 -17.12 -22.06 17.60
C PHE A 573 -18.07 -23.00 18.33
N THR A 574 -19.03 -22.43 19.07
CA THR A 574 -19.96 -23.25 19.84
C THR A 574 -20.88 -24.06 18.94
N TRP A 575 -21.30 -23.47 17.81
CA TRP A 575 -22.16 -24.19 16.88
C TRP A 575 -21.42 -25.34 16.23
N LEU A 576 -20.16 -25.12 15.83
CA LEU A 576 -19.35 -26.22 15.30
C LEU A 576 -19.13 -27.28 16.37
N LYS A 577 -18.93 -26.86 17.62
CA LYS A 577 -18.80 -27.80 18.72
C LYS A 577 -20.02 -28.70 18.82
N GLU A 578 -21.21 -28.16 18.54
CA GLU A 578 -22.42 -28.95 18.65
C GLU A 578 -22.61 -29.86 17.45
N GLN A 579 -22.30 -29.37 16.25
CA GLN A 579 -22.40 -30.19 15.05
C GLN A 579 -21.25 -31.17 14.90
N ASN A 580 -20.37 -31.27 15.91
CA ASN A 580 -19.34 -32.29 15.96
C ASN A 580 -19.32 -33.02 17.30
N ARG A 581 -20.35 -32.87 18.12
CA ARG A 581 -20.42 -33.55 19.42
C ARG A 581 -20.29 -35.06 19.28
N ASN A 582 -20.49 -35.57 18.06
CA ASN A 582 -20.45 -37.01 17.82
C ASN A 582 -19.56 -37.35 16.63
N SER A 583 -18.81 -36.39 16.10
CA SER A 583 -17.86 -36.61 15.02
C SER A 583 -16.44 -36.66 15.58
N PHE A 584 -15.47 -36.81 14.70
CA PHE A 584 -14.06 -36.91 15.08
C PHE A 584 -13.38 -35.57 14.76
N VAL A 585 -13.19 -34.75 15.78
CA VAL A 585 -12.48 -33.48 15.64
C VAL A 585 -10.99 -33.78 15.61
N GLY A 586 -10.36 -33.60 14.45
CA GLY A 586 -8.96 -33.92 14.28
C GLY A 586 -8.75 -34.68 12.99
N TRP A 587 -7.51 -35.09 12.74
CA TRP A 587 -7.19 -35.81 11.51
C TRP A 587 -5.97 -36.69 11.73
N SER A 588 -5.95 -37.83 11.03
CA SER A 588 -4.81 -38.71 11.01
C SER A 588 -4.00 -38.48 9.75
N THR A 589 -2.69 -38.42 9.91
CA THR A 589 -1.79 -38.10 8.80
C THR A 589 -1.41 -39.32 7.97
N GLU A 590 -1.98 -40.48 8.25
CA GLU A 590 -1.57 -41.69 7.55
C GLU A 590 -2.40 -41.95 6.30
N TRP A 591 -3.68 -41.61 6.33
CA TRP A 591 -4.56 -41.89 5.21
C TRP A 591 -4.28 -40.94 4.05
N THR A 592 -4.11 -41.52 2.87
CA THR A 592 -3.90 -40.80 1.63
C THR A 592 -4.90 -41.32 0.59
N PRO A 593 -5.23 -40.49 -0.40
CA PRO A 593 -6.11 -40.98 -1.49
C PRO A 593 -5.47 -42.05 -2.36
N TYR A 594 -4.17 -42.30 -2.24
CA TYR A 594 -3.48 -43.25 -3.11
C TYR A 594 -2.95 -44.48 -2.36
N SER A 595 -3.18 -44.59 -1.06
CA SER A 595 -2.85 -45.79 -0.29
C SER A 595 -4.14 -46.56 -0.03
N ASP A 596 -4.20 -47.79 -0.55
CA ASP A 596 -5.39 -48.62 -0.40
C ASP A 596 -5.03 -50.00 0.14
N THR B 1 -3.45 58.97 -16.15
CA THR B 1 -4.67 58.18 -15.98
C THR B 1 -4.66 56.94 -16.86
N ASN B 2 -3.55 56.21 -16.83
CA ASN B 2 -3.41 54.95 -17.55
C ASN B 2 -3.61 53.77 -16.60
N LEU B 3 -3.88 52.61 -17.18
CA LEU B 3 -4.21 51.42 -16.40
C LEU B 3 -2.95 50.67 -16.00
N CYS B 4 -3.02 50.02 -14.84
CA CYS B 4 -1.85 49.31 -14.31
C CYS B 4 -1.61 48.02 -15.09
N PRO B 5 -0.36 47.73 -15.42
CA PRO B 5 -0.01 46.54 -16.23
C PRO B 5 -0.04 45.25 -15.42
N PHE B 6 -1.16 44.99 -14.76
CA PHE B 6 -1.35 43.75 -14.04
C PHE B 6 -1.54 42.57 -15.00
N GLY B 7 -1.97 42.86 -16.23
CA GLY B 7 -2.21 41.81 -17.19
C GLY B 7 -0.94 41.06 -17.55
N GLU B 8 0.14 41.78 -17.80
CA GLU B 8 1.42 41.15 -18.09
C GLU B 8 2.04 40.50 -16.86
N VAL B 9 1.49 40.74 -15.67
CA VAL B 9 1.94 40.03 -14.48
C VAL B 9 1.21 38.70 -14.33
N PHE B 10 -0.13 38.75 -14.29
CA PHE B 10 -0.91 37.55 -14.03
C PHE B 10 -1.03 36.66 -15.28
N ASN B 11 -1.25 37.28 -16.44
CA ASN B 11 -1.38 36.57 -17.71
C ASN B 11 -0.04 36.36 -18.41
N ALA B 12 1.04 36.20 -17.65
CA ALA B 12 2.36 35.98 -18.24
C ALA B 12 2.51 34.52 -18.65
N THR B 13 3.07 34.31 -19.85
CA THR B 13 3.17 32.96 -20.41
C THR B 13 4.08 32.06 -19.55
N THR B 14 5.15 32.61 -18.98
CA THR B 14 6.02 31.86 -18.09
C THR B 14 6.27 32.67 -16.82
N PHE B 15 6.25 31.98 -15.70
CA PHE B 15 6.55 32.58 -14.41
C PHE B 15 7.98 32.25 -14.01
N ALA B 16 8.42 32.87 -12.92
CA ALA B 16 9.79 32.67 -12.45
C ALA B 16 9.86 31.52 -11.47
N SER B 17 11.05 30.93 -11.36
CA SER B 17 11.29 29.99 -10.28
C SER B 17 11.35 30.76 -8.95
N VAL B 18 10.91 30.10 -7.89
CA VAL B 18 10.68 30.81 -6.63
C VAL B 18 11.98 31.36 -6.06
N TYR B 19 13.09 30.65 -6.25
CA TYR B 19 14.37 31.18 -5.75
C TYR B 19 14.74 32.47 -6.44
N ALA B 20 14.46 32.58 -7.75
CA ALA B 20 14.65 33.83 -8.49
C ALA B 20 13.30 34.46 -8.80
N TRP B 21 12.53 34.79 -7.75
CA TRP B 21 11.18 35.31 -7.95
C TRP B 21 11.21 36.68 -8.64
N ASN B 22 10.24 36.91 -9.52
CA ASN B 22 10.25 38.07 -10.40
C ASN B 22 9.40 39.20 -9.80
N ARG B 23 9.98 40.40 -9.69
CA ARG B 23 9.31 41.56 -9.15
C ARG B 23 9.02 42.57 -10.26
N LYS B 24 7.80 43.10 -10.28
CA LYS B 24 7.43 44.22 -11.13
C LYS B 24 6.94 45.38 -10.26
N ARG B 25 7.45 46.58 -10.54
CA ARG B 25 7.02 47.78 -9.84
C ARG B 25 5.86 48.41 -10.58
N ILE B 26 4.87 48.86 -9.83
CA ILE B 26 3.62 49.40 -10.34
C ILE B 26 3.48 50.81 -9.78
N SER B 27 3.36 51.78 -10.69
CA SER B 27 3.35 53.20 -10.38
C SER B 27 2.70 53.97 -11.52
N ASN B 28 2.24 55.18 -11.21
CA ASN B 28 1.57 56.08 -12.16
C ASN B 28 0.52 55.35 -13.00
N CYS B 29 -0.46 54.77 -12.31
CA CYS B 29 -1.55 54.08 -12.99
C CYS B 29 -2.74 53.94 -12.04
N VAL B 30 -3.89 53.57 -12.61
CA VAL B 30 -5.12 53.34 -11.87
C VAL B 30 -5.46 51.85 -11.96
N ALA B 31 -5.71 51.25 -10.81
CA ALA B 31 -5.95 49.81 -10.71
C ALA B 31 -7.37 49.55 -10.23
N ASP B 32 -8.01 48.56 -10.84
CA ASP B 32 -9.32 48.10 -10.43
C ASP B 32 -9.11 46.72 -9.81
N TYR B 33 -8.79 46.70 -8.51
CA TYR B 33 -8.51 45.44 -7.83
C TYR B 33 -9.75 44.57 -7.71
N SER B 34 -10.93 45.20 -7.68
CA SER B 34 -12.15 44.43 -7.53
C SER B 34 -12.35 43.44 -8.67
N VAL B 35 -11.79 43.73 -9.85
CA VAL B 35 -11.87 42.77 -10.94
C VAL B 35 -10.98 41.57 -10.67
N LEU B 36 -9.81 41.80 -10.05
CA LEU B 36 -8.96 40.69 -9.65
C LEU B 36 -9.65 39.81 -8.61
N TYR B 37 -10.37 40.43 -7.67
CA TYR B 37 -11.06 39.61 -6.67
C TYR B 37 -12.24 38.87 -7.28
N ASN B 38 -13.16 39.59 -7.91
CA ASN B 38 -14.32 38.95 -8.53
C ASN B 38 -13.98 38.16 -9.75
N SER B 39 -12.72 37.98 -10.15
CA SER B 39 -12.42 37.01 -11.20
C SER B 39 -12.78 35.60 -10.77
N THR B 40 -12.66 35.29 -9.47
CA THR B 40 -13.01 34.00 -8.88
C THR B 40 -12.30 32.83 -9.56
N SER B 41 -11.29 33.13 -10.38
CA SER B 41 -10.46 32.12 -11.02
C SER B 41 -9.21 31.80 -10.21
N PHE B 42 -9.26 31.98 -8.90
CA PHE B 42 -8.12 31.77 -8.03
C PHE B 42 -8.49 30.79 -6.93
N SER B 43 -7.55 29.91 -6.59
CA SER B 43 -7.75 29.01 -5.46
C SER B 43 -7.35 29.65 -4.14
N THR B 44 -6.53 30.69 -4.17
CA THR B 44 -6.16 31.42 -2.96
C THR B 44 -6.08 32.91 -3.29
N PHE B 45 -6.74 33.72 -2.47
CA PHE B 45 -6.77 35.18 -2.59
C PHE B 45 -6.90 35.73 -1.17
N LYS B 46 -5.79 35.68 -0.43
CA LYS B 46 -5.80 36.04 1.00
C LYS B 46 -5.01 37.32 1.20
N CYS B 47 -5.66 38.34 1.73
CA CYS B 47 -5.03 39.62 2.00
C CYS B 47 -4.69 39.73 3.49
N TYR B 48 -3.40 39.95 3.74
CA TYR B 48 -2.95 39.93 5.15
C TYR B 48 -2.92 41.38 5.64
N GLY B 49 -3.31 42.32 4.78
CA GLY B 49 -3.37 43.74 5.18
C GLY B 49 -4.76 44.31 4.93
N VAL B 50 -4.96 44.97 3.79
CA VAL B 50 -6.27 45.63 3.50
C VAL B 50 -7.30 44.61 3.03
N SER B 51 -8.60 44.89 3.15
CA SER B 51 -9.68 44.03 2.66
C SER B 51 -9.74 44.03 1.14
N PRO B 52 -9.78 42.86 0.50
CA PRO B 52 -9.78 42.82 -0.98
C PRO B 52 -10.95 43.54 -1.61
N THR B 53 -12.06 43.70 -0.90
CA THR B 53 -13.21 44.40 -1.46
C THR B 53 -12.94 45.89 -1.62
N LYS B 54 -12.03 46.44 -0.82
CA LYS B 54 -11.93 47.88 -0.63
C LYS B 54 -10.87 48.55 -1.49
N LEU B 55 -9.75 47.89 -1.78
CA LEU B 55 -8.58 48.60 -2.33
C LEU B 55 -8.87 49.43 -3.57
N ASN B 56 -10.03 49.19 -4.20
CA ASN B 56 -10.45 50.09 -5.26
C ASN B 56 -10.68 51.51 -4.75
N ASP B 57 -10.79 51.68 -3.44
CA ASP B 57 -10.92 53.00 -2.84
C ASP B 57 -9.72 53.27 -1.94
N LEU B 58 -8.52 53.13 -2.47
CA LEU B 58 -7.32 53.43 -1.73
C LEU B 58 -6.21 53.84 -2.70
N CYS B 59 -5.24 54.57 -2.17
CA CYS B 59 -4.10 55.05 -2.95
C CYS B 59 -2.81 54.64 -2.25
N PHE B 60 -1.80 54.32 -3.06
CA PHE B 60 -0.47 53.98 -2.56
C PHE B 60 0.58 54.65 -3.43
N THR B 61 1.77 54.83 -2.86
CA THR B 61 2.87 55.41 -3.64
C THR B 61 3.47 54.39 -4.60
N ASN B 62 3.57 53.12 -4.18
CA ASN B 62 4.12 52.07 -5.03
C ASN B 62 3.46 50.74 -4.70
N VAL B 63 3.32 49.90 -5.73
CA VAL B 63 2.88 48.53 -5.58
C VAL B 63 3.94 47.60 -6.17
N TYR B 64 4.22 46.50 -5.48
CA TYR B 64 5.19 45.52 -5.94
C TYR B 64 4.50 44.18 -6.17
N ALA B 65 4.53 43.72 -7.42
CA ALA B 65 3.94 42.44 -7.82
C ALA B 65 5.06 41.42 -7.98
N ASP B 66 5.18 40.54 -7.00
CA ASP B 66 6.13 39.44 -7.05
C ASP B 66 5.41 38.21 -7.58
N SER B 67 6.09 37.43 -8.41
CA SER B 67 5.47 36.26 -9.02
C SER B 67 6.48 35.13 -9.14
N PHE B 68 5.98 33.91 -8.98
CA PHE B 68 6.78 32.70 -9.09
C PHE B 68 5.82 31.51 -9.18
N VAL B 69 6.38 30.29 -9.08
CA VAL B 69 5.61 29.07 -9.15
C VAL B 69 6.13 28.10 -8.09
N ILE B 70 5.22 27.53 -7.30
CA ILE B 70 5.58 26.52 -6.31
C ILE B 70 4.62 25.34 -6.39
N THR B 71 4.67 24.44 -5.41
CA THR B 71 3.68 23.39 -5.30
C THR B 71 2.49 23.88 -4.50
N GLY B 72 1.34 23.24 -4.71
CA GLY B 72 0.13 23.65 -4.01
C GLY B 72 0.28 23.59 -2.50
N ASP B 73 0.83 22.47 -2.00
CA ASP B 73 1.08 22.33 -0.57
C ASP B 73 1.88 23.49 -0.03
N GLU B 74 2.85 23.98 -0.82
CA GLU B 74 3.75 25.04 -0.39
C GLU B 74 3.10 26.42 -0.39
N VAL B 75 1.90 26.56 -0.95
CA VAL B 75 1.27 27.88 -1.05
C VAL B 75 0.98 28.43 0.35
N ARG B 76 0.74 27.57 1.32
CA ARG B 76 0.51 28.01 2.69
C ARG B 76 1.73 28.73 3.28
N GLN B 77 2.92 28.50 2.71
CA GLN B 77 4.12 29.15 3.20
C GLN B 77 4.27 30.59 2.71
N ILE B 78 3.51 30.99 1.69
CA ILE B 78 3.54 32.36 1.21
C ILE B 78 2.63 33.20 2.11
N ALA B 79 3.09 33.46 3.33
CA ALA B 79 2.28 34.12 4.34
C ALA B 79 3.22 34.61 5.44
N PRO B 80 2.77 35.58 6.25
CA PRO B 80 3.63 36.07 7.33
C PRO B 80 3.85 35.01 8.40
N GLY B 81 5.09 34.90 8.85
CA GLY B 81 5.42 34.01 9.95
C GLY B 81 5.37 32.54 9.63
N GLN B 82 5.63 32.17 8.38
CA GLN B 82 5.67 30.77 7.98
C GLN B 82 7.11 30.29 7.89
N THR B 83 7.31 29.01 8.20
CA THR B 83 8.58 28.32 8.03
C THR B 83 8.41 27.20 7.01
N GLY B 84 9.54 26.59 6.67
CA GLY B 84 9.61 25.64 5.58
C GLY B 84 10.55 26.11 4.50
N LYS B 85 10.63 25.32 3.43
CA LYS B 85 11.65 25.58 2.41
C LYS B 85 11.40 26.89 1.69
N ILE B 86 10.16 27.15 1.28
CA ILE B 86 9.88 28.35 0.49
C ILE B 86 10.05 29.61 1.33
N ALA B 87 9.48 29.61 2.54
CA ALA B 87 9.51 30.81 3.37
C ALA B 87 10.88 31.04 4.02
N ASP B 88 11.70 30.00 4.16
CA ASP B 88 13.04 30.21 4.71
C ASP B 88 14.07 30.53 3.64
N TYR B 89 14.10 29.73 2.56
CA TYR B 89 15.20 29.81 1.61
C TYR B 89 14.84 30.45 0.28
N ASN B 90 13.57 30.78 0.03
CA ASN B 90 13.18 31.23 -1.30
C ASN B 90 12.46 32.58 -1.27
N TYR B 91 11.38 32.68 -0.51
CA TYR B 91 10.55 33.89 -0.50
C TYR B 91 9.96 34.05 0.89
N LYS B 92 10.49 34.99 1.67
CA LYS B 92 10.09 35.22 3.06
C LYS B 92 9.28 36.50 3.14
N LEU B 93 7.99 36.37 3.43
CA LEU B 93 7.18 37.55 3.69
C LEU B 93 7.46 38.06 5.10
N PRO B 94 7.46 39.39 5.30
CA PRO B 94 7.72 39.93 6.63
C PRO B 94 6.55 39.66 7.56
N ASP B 95 6.80 39.93 8.85
CA ASP B 95 5.76 39.72 9.85
C ASP B 95 4.68 40.80 9.77
N ASP B 96 5.07 42.03 9.44
CA ASP B 96 4.16 43.17 9.30
C ASP B 96 3.69 43.38 7.86
N PHE B 97 3.51 42.28 7.13
CA PHE B 97 3.18 42.37 5.72
C PHE B 97 1.79 42.96 5.54
N THR B 98 1.63 43.77 4.49
CA THR B 98 0.42 44.55 4.29
C THR B 98 -0.10 44.43 2.86
N GLY B 99 0.14 43.29 2.23
CA GLY B 99 -0.36 43.07 0.89
C GLY B 99 -1.32 41.90 0.78
N CYS B 100 -1.40 41.30 -0.42
CA CYS B 100 -2.27 40.17 -0.68
C CYS B 100 -1.49 39.08 -1.39
N VAL B 101 -1.80 37.83 -1.06
CA VAL B 101 -1.23 36.66 -1.72
C VAL B 101 -2.31 36.05 -2.60
N ILE B 102 -2.06 36.03 -3.91
CA ILE B 102 -2.95 35.41 -4.88
C ILE B 102 -2.22 34.21 -5.47
N ALA B 103 -2.94 33.13 -5.68
CA ALA B 103 -2.32 31.91 -6.18
C ALA B 103 -3.38 31.04 -6.82
N TRP B 104 -3.05 30.48 -7.98
CA TRP B 104 -3.98 29.62 -8.69
C TRP B 104 -3.25 28.41 -9.26
N ASN B 105 -4.05 27.42 -9.65
CA ASN B 105 -3.54 26.12 -10.09
C ASN B 105 -3.17 26.20 -11.57
N SER B 106 -1.90 26.02 -11.87
CA SER B 106 -1.37 26.11 -13.23
C SER B 106 -1.00 24.74 -13.78
N LYS B 107 -1.91 23.78 -13.62
CA LYS B 107 -1.64 22.43 -14.08
C LYS B 107 -1.53 22.39 -15.60
N HIS B 108 -2.47 23.05 -16.27
CA HIS B 108 -2.64 23.08 -17.72
C HIS B 108 -1.58 23.89 -18.46
N ILE B 109 -0.57 24.44 -17.77
CA ILE B 109 0.48 25.19 -18.46
C ILE B 109 1.85 24.72 -17.99
N ASP B 110 1.99 24.55 -16.68
CA ASP B 110 3.29 24.34 -16.06
C ASP B 110 3.60 22.88 -15.79
N ALA B 111 2.80 21.96 -16.33
CA ALA B 111 3.06 20.54 -16.21
C ALA B 111 2.88 19.88 -17.57
N LYS B 112 3.55 18.75 -17.76
CA LYS B 112 3.50 18.02 -19.02
C LYS B 112 3.99 16.61 -18.77
N GLU B 113 3.49 15.66 -19.57
CA GLU B 113 3.99 14.30 -19.47
C GLU B 113 5.47 14.25 -19.82
N GLY B 114 6.19 13.36 -19.13
CA GLY B 114 7.64 13.35 -19.20
C GLY B 114 8.31 14.29 -18.23
N GLY B 115 7.60 15.30 -17.73
CA GLY B 115 8.12 16.15 -16.68
C GLY B 115 8.50 17.55 -17.11
N ASN B 116 7.81 18.56 -16.57
CA ASN B 116 8.22 19.94 -16.69
C ASN B 116 9.15 20.26 -15.53
N PHE B 117 10.43 20.47 -15.84
CA PHE B 117 11.45 20.71 -14.83
C PHE B 117 11.93 22.15 -14.84
N ASN B 118 11.34 23.01 -15.68
CA ASN B 118 11.81 24.38 -15.82
C ASN B 118 11.90 25.12 -14.48
N TYR B 119 11.05 24.77 -13.52
CA TYR B 119 10.93 25.52 -12.27
C TYR B 119 11.86 24.96 -11.20
N LEU B 120 12.58 25.85 -10.53
CA LEU B 120 13.50 25.48 -9.47
C LEU B 120 13.02 26.01 -8.12
N TYR B 121 13.70 25.52 -7.08
CA TYR B 121 13.58 26.04 -5.73
C TYR B 121 14.89 25.76 -5.00
N ARG B 122 15.21 26.61 -4.03
CA ARG B 122 16.41 26.43 -3.23
C ARG B 122 16.12 25.49 -2.07
N LEU B 123 16.98 24.49 -1.90
CA LEU B 123 16.77 23.48 -0.86
C LEU B 123 17.65 23.68 0.36
N PHE B 124 18.87 24.20 0.19
CA PHE B 124 19.75 24.45 1.32
C PHE B 124 20.24 25.89 1.27
N ARG B 125 20.58 26.40 2.45
CA ARG B 125 21.16 27.72 2.60
C ARG B 125 21.68 27.84 4.03
N LYS B 126 22.80 28.57 4.18
CA LYS B 126 23.45 28.66 5.48
C LYS B 126 22.60 29.37 6.53
N ALA B 127 21.67 30.24 6.10
CA ALA B 127 20.79 30.93 7.03
C ALA B 127 19.52 31.31 6.29
N ASN B 128 18.51 31.73 7.06
CA ASN B 128 17.21 32.05 6.50
C ASN B 128 17.26 33.41 5.80
N LEU B 129 16.33 33.60 4.86
CA LEU B 129 16.24 34.85 4.14
C LEU B 129 15.65 35.95 5.02
N LYS B 130 16.11 37.17 4.77
CA LYS B 130 15.45 38.34 5.32
C LYS B 130 14.19 38.63 4.51
N PRO B 131 13.26 39.41 5.05
CA PRO B 131 12.04 39.72 4.30
C PRO B 131 12.33 40.30 2.93
N PHE B 132 11.68 39.74 1.91
CA PHE B 132 11.84 40.16 0.51
C PHE B 132 13.29 40.04 0.04
N GLU B 133 14.08 39.16 0.66
CA GLU B 133 15.40 38.88 0.11
C GLU B 133 15.28 37.99 -1.13
N ARG B 134 16.33 38.00 -1.94
CA ARG B 134 16.35 37.21 -3.18
C ARG B 134 17.77 36.72 -3.39
N ASP B 135 17.96 35.41 -3.28
CA ASP B 135 19.26 34.78 -3.45
C ASP B 135 19.18 33.90 -4.69
N ILE B 136 20.04 34.16 -5.66
CA ILE B 136 20.07 33.42 -6.92
C ILE B 136 21.41 32.73 -7.12
N SER B 137 22.19 32.57 -6.05
CA SER B 137 23.51 31.98 -6.15
C SER B 137 23.42 30.48 -6.44
N THR B 138 24.42 29.97 -7.15
CA THR B 138 24.53 28.56 -7.46
C THR B 138 25.80 27.96 -6.86
N GLU B 139 26.30 28.57 -5.79
CA GLU B 139 27.50 28.06 -5.15
C GLU B 139 27.20 26.79 -4.37
N ILE B 140 28.11 25.81 -4.46
CA ILE B 140 27.89 24.50 -3.86
C ILE B 140 27.79 24.65 -2.35
N TYR B 141 26.71 24.15 -1.78
CA TYR B 141 26.50 24.20 -0.34
C TYR B 141 27.37 23.17 0.36
N GLN B 142 28.09 23.60 1.39
CA GLN B 142 29.05 22.76 2.07
C GLN B 142 28.41 22.26 3.37
N ALA B 143 27.98 21.00 3.37
CA ALA B 143 27.29 20.47 4.54
C ALA B 143 28.28 19.93 5.57
N GLY B 144 29.35 19.29 5.12
CA GLY B 144 30.37 18.77 5.99
C GLY B 144 31.50 19.74 6.26
N SER B 145 32.68 19.20 6.55
CA SER B 145 33.83 20.03 6.85
C SER B 145 34.78 20.21 5.67
N LYS B 146 34.79 19.29 4.71
CA LYS B 146 35.71 19.39 3.58
C LYS B 146 35.15 20.37 2.55
N PRO B 147 35.98 21.28 2.02
CA PRO B 147 35.50 22.19 0.98
C PRO B 147 35.07 21.43 -0.27
N CYS B 148 34.21 22.07 -1.06
CA CYS B 148 33.56 21.41 -2.17
C CYS B 148 34.27 21.62 -3.51
N ASN B 149 35.08 22.68 -3.63
CA ASN B 149 35.79 23.00 -4.87
C ASN B 149 34.84 23.17 -6.05
N GLY B 150 33.64 23.66 -5.78
CA GLY B 150 32.67 23.94 -6.83
C GLY B 150 32.17 22.74 -7.59
N GLN B 151 32.24 21.55 -7.00
CA GLN B 151 31.73 20.34 -7.62
C GLN B 151 31.02 19.50 -6.57
N THR B 152 29.93 18.86 -6.97
CA THR B 152 29.08 18.11 -6.05
C THR B 152 29.75 16.81 -5.62
N GLY B 153 29.44 16.38 -4.40
CA GLY B 153 30.00 15.15 -3.86
C GLY B 153 29.62 14.88 -2.43
N LEU B 154 30.49 14.17 -1.71
CA LEU B 154 30.28 13.86 -0.30
C LEU B 154 30.03 15.12 0.51
N ASN B 155 28.83 15.25 1.07
CA ASN B 155 28.43 16.41 1.87
C ASN B 155 28.51 17.72 1.09
N CYS B 156 28.39 17.65 -0.24
CA CYS B 156 28.46 18.84 -1.09
C CYS B 156 27.38 18.72 -2.14
N TYR B 157 26.33 19.52 -2.03
CA TYR B 157 25.16 19.42 -2.89
C TYR B 157 24.88 20.76 -3.55
N TYR B 158 24.50 20.72 -4.82
CA TYR B 158 24.16 21.94 -5.55
C TYR B 158 22.89 22.54 -4.95
N PRO B 159 22.87 23.84 -4.64
CA PRO B 159 21.81 24.36 -3.76
C PRO B 159 20.41 24.31 -4.35
N LEU B 160 20.26 24.53 -5.66
CA LEU B 160 18.95 24.60 -6.27
C LEU B 160 18.56 23.24 -6.85
N TYR B 161 17.25 22.98 -6.90
CA TYR B 161 16.73 21.77 -7.52
C TYR B 161 15.44 22.10 -8.26
N ARG B 162 14.86 21.09 -8.89
CA ARG B 162 13.76 21.27 -9.82
C ARG B 162 12.49 20.66 -9.27
N TYR B 163 11.35 21.31 -9.57
CA TYR B 163 10.06 20.68 -9.38
C TYR B 163 9.75 19.80 -10.58
N GLY B 164 9.48 18.52 -10.35
CA GLY B 164 8.99 17.65 -11.40
C GLY B 164 7.48 17.69 -11.47
N PHE B 165 6.94 18.50 -12.39
CA PHE B 165 5.51 18.73 -12.49
C PHE B 165 4.94 17.80 -13.57
N TYR B 166 4.27 16.74 -13.14
CA TYR B 166 3.61 15.79 -14.02
C TYR B 166 2.10 15.98 -13.96
N PRO B 167 1.39 15.78 -15.08
CA PRO B 167 -0.06 15.98 -15.08
C PRO B 167 -0.82 15.02 -14.19
N THR B 168 -0.19 13.94 -13.74
CA THR B 168 -0.84 12.97 -12.87
C THR B 168 -0.43 13.12 -11.41
N ASP B 169 0.28 14.19 -11.06
CA ASP B 169 0.62 14.45 -9.67
C ASP B 169 -0.64 14.76 -8.85
N GLY B 170 -0.49 14.68 -7.53
CA GLY B 170 -1.55 15.13 -6.65
C GLY B 170 -1.57 16.64 -6.53
N VAL B 171 -2.74 17.16 -6.11
CA VAL B 171 -2.92 18.62 -6.06
C VAL B 171 -1.88 19.26 -5.15
N GLY B 172 -1.43 18.55 -4.12
CA GLY B 172 -0.36 19.06 -3.27
C GLY B 172 0.96 19.20 -3.99
N HIS B 173 1.14 18.49 -5.11
CA HIS B 173 2.37 18.52 -5.89
C HIS B 173 2.13 19.08 -7.29
N GLN B 174 1.06 19.81 -7.48
CA GLN B 174 0.76 20.44 -8.75
C GLN B 174 1.29 21.87 -8.77
N PRO B 175 1.67 22.38 -9.94
CA PRO B 175 2.23 23.73 -10.01
C PRO B 175 1.15 24.79 -9.78
N TYR B 176 1.44 25.69 -8.85
CA TYR B 176 0.61 26.85 -8.55
C TYR B 176 1.40 28.11 -8.84
N ARG B 177 0.80 29.00 -9.63
CA ARG B 177 1.37 30.31 -9.89
C ARG B 177 0.96 31.27 -8.79
N VAL B 178 1.93 32.02 -8.26
CA VAL B 178 1.76 32.87 -7.11
C VAL B 178 2.15 34.30 -7.49
N VAL B 179 1.28 35.25 -7.14
CA VAL B 179 1.55 36.68 -7.27
C VAL B 179 1.22 37.32 -5.93
N VAL B 180 2.22 37.98 -5.34
CA VAL B 180 2.07 38.69 -4.08
C VAL B 180 2.12 40.18 -4.38
N LEU B 181 1.08 40.88 -3.96
CA LEU B 181 0.97 42.33 -4.16
C LEU B 181 1.29 43.03 -2.84
N SER B 182 2.34 43.84 -2.85
CA SER B 182 2.78 44.60 -1.70
C SER B 182 2.46 46.07 -1.94
N PHE B 183 1.83 46.70 -0.96
CA PHE B 183 1.40 48.09 -1.06
C PHE B 183 2.22 48.91 -0.08
N GLU B 184 2.98 49.88 -0.59
CA GLU B 184 3.84 50.64 0.30
C GLU B 184 3.32 52.07 0.44
N LEU B 185 3.55 52.65 1.64
CA LEU B 185 2.87 53.87 2.08
C LEU B 185 3.87 54.83 2.72
N LEU B 186 4.54 55.61 1.89
CA LEU B 186 5.47 56.63 2.36
C LEU B 186 4.82 58.00 2.26
N ASN B 187 5.46 59.00 2.88
CA ASN B 187 4.95 60.36 2.75
C ASN B 187 4.88 60.81 1.30
N ALA B 188 5.57 60.12 0.40
CA ALA B 188 5.49 60.45 -1.01
C ALA B 188 4.04 60.38 -1.47
N PRO B 189 3.64 61.22 -2.42
CA PRO B 189 2.28 61.13 -2.95
C PRO B 189 2.05 59.80 -3.64
N ALA B 190 0.79 59.53 -3.94
CA ALA B 190 0.32 58.22 -4.36
C ALA B 190 0.14 58.19 -5.88
N THR B 191 0.91 57.32 -6.54
CA THR B 191 0.83 57.13 -7.97
C THR B 191 -0.05 55.95 -8.37
N VAL B 192 -0.58 55.21 -7.40
CA VAL B 192 -1.41 54.04 -7.65
C VAL B 192 -2.67 54.19 -6.80
N CYS B 193 -3.80 54.32 -7.48
CA CYS B 193 -5.09 54.46 -6.76
C CYS B 193 -6.11 53.50 -7.39
N GLY B 194 -7.24 53.29 -6.70
CA GLY B 194 -8.27 52.36 -7.21
C GLY B 194 -9.12 53.02 -8.27
N HIS B 195 -10.42 52.70 -8.32
CA HIS B 195 -11.33 53.24 -9.36
C HIS B 195 -10.88 52.75 -10.74
#